data_4Y68
#
_entry.id   4Y68
#
_cell.length_a   58.810
_cell.length_b   137.240
_cell.length_c   164.000
_cell.angle_alpha   90.00
_cell.angle_beta   90.00
_cell.angle_gamma   90.00
#
_symmetry.space_group_name_H-M   'P 21 21 21'
#
loop_
_entity.id
_entity.type
_entity.pdbx_description
1 polymer 'Putative nisin-resistance protein'
2 non-polymer '2-(N-MORPHOLINO)-ETHANESULFONIC ACID'
3 water water
#
_entity_poly.entity_id   1
_entity_poly.type   'polypeptide(L)'
_entity_poly.pdbx_seq_one_letter_code
;MGSSHHHHHHHHSSGLVPRGSHLNIYLLPPSSERYGRVILDRVEQRGLYSQGRQWQIIRQRSEKKLKTSKSYQESRNIVQ
EAVRYGGGKHSQILSKETVRRDTLDSRYPEYRRLNEDILLITIPSISKLDKRSISHYSGKLQNILMEKSYKGLILDLSNN
TGGNMIPMIGGLASILPNDTLFHYTDKYGNKKTITMKNIPLEALKISRKTINTKHVPIAIITNHKTASSAEMTFLSFKGL
PNVKSFGQATAGYTTVNETFMLYDGARLALTTGIVSDRQGYKYENTPILPDQVTSLPLQESQSWLKSRINQN
;
_entity_poly.pdbx_strand_id   C,A,B,D
#
loop_
_chem_comp.id
_chem_comp.type
_chem_comp.name
_chem_comp.formula
MES non-polymer '2-(N-MORPHOLINO)-ETHANESULFONIC ACID' 'C6 H13 N O4 S'
#
# COMPACT_ATOMS: atom_id res chain seq x y z
N LEU A 23 11.83 15.39 8.59
CA LEU A 23 12.45 15.62 9.90
C LEU A 23 13.93 15.25 9.88
N ASN A 24 14.56 15.45 11.03
CA ASN A 24 15.97 15.26 11.15
C ASN A 24 16.27 13.83 11.53
N ILE A 25 16.73 13.08 10.52
CA ILE A 25 16.84 11.65 10.58
C ILE A 25 18.27 11.21 10.34
N TYR A 26 18.78 10.37 11.23
CA TYR A 26 20.04 9.68 11.01
C TYR A 26 19.79 8.17 10.94
N LEU A 27 20.21 7.56 9.83
CA LEU A 27 20.10 6.11 9.65
C LEU A 27 21.38 5.60 9.04
N LEU A 28 21.92 4.56 9.64
CA LEU A 28 23.03 3.86 9.04
C LEU A 28 22.70 2.38 9.16
N PRO A 29 21.90 1.88 8.21
CA PRO A 29 21.43 0.51 8.23
C PRO A 29 22.59 -0.49 8.28
N PRO A 30 22.35 -1.66 8.86
CA PRO A 30 23.39 -2.69 8.89
C PRO A 30 23.72 -3.16 7.48
N SER A 31 24.95 -3.62 7.28
CA SER A 31 25.32 -4.31 6.06
C SER A 31 24.53 -5.61 5.95
N SER A 32 24.47 -6.17 4.75
CA SER A 32 23.85 -7.47 4.59
C SER A 32 24.48 -8.54 5.47
N GLU A 33 25.80 -8.49 5.66
CA GLU A 33 26.44 -9.42 6.59
C GLU A 33 25.96 -9.24 8.03
N ARG A 34 26.05 -8.02 8.54
CA ARG A 34 25.52 -7.66 9.88
C ARG A 34 24.09 -8.18 10.07
N TYR A 35 23.25 -7.86 9.09
CA TYR A 35 21.84 -8.23 9.13
C TYR A 35 21.71 -9.73 9.35
N GLY A 36 22.55 -10.51 8.67
CA GLY A 36 22.54 -11.95 8.82
C GLY A 36 23.05 -12.39 10.18
N ARG A 37 24.05 -11.68 10.71
CA ARG A 37 24.65 -12.06 11.98
C ARG A 37 23.71 -11.75 13.15
N VAL A 38 22.91 -10.71 13.00
CA VAL A 38 21.88 -10.36 13.98
C VAL A 38 20.90 -11.50 14.15
N ILE A 39 20.52 -12.14 13.04
CA ILE A 39 19.58 -13.26 13.13
C ILE A 39 20.23 -14.46 13.82
N LEU A 40 21.51 -14.71 13.53
CA LEU A 40 22.21 -15.83 14.14
C LEU A 40 22.34 -15.62 15.67
N ASP A 41 22.64 -14.41 16.10
CA ASP A 41 22.69 -14.10 17.52
C ASP A 41 21.36 -14.43 18.23
N ARG A 42 20.24 -14.00 17.66
CA ARG A 42 18.92 -14.25 18.25
C ARG A 42 18.63 -15.72 18.32
N VAL A 43 18.90 -16.41 17.22
CA VAL A 43 18.66 -17.84 17.15
C VAL A 43 19.45 -18.53 18.25
N GLU A 44 20.73 -18.19 18.36
CA GLU A 44 21.54 -18.78 19.41
C GLU A 44 21.01 -18.39 20.81
N GLN A 45 20.54 -17.16 20.97
CA GLN A 45 20.15 -16.69 22.29
C GLN A 45 18.87 -17.37 22.82
N ARG A 46 17.94 -17.73 21.94
CA ARG A 46 16.61 -18.17 22.41
C ARG A 46 16.08 -19.47 21.79
N GLY A 47 16.64 -19.86 20.65
CA GLY A 47 16.18 -21.05 19.94
C GLY A 47 16.38 -22.29 20.80
N LEU A 48 15.45 -23.25 20.72
CA LEU A 48 15.52 -24.43 21.58
C LEU A 48 16.74 -25.31 21.35
N TYR A 49 17.21 -25.35 20.10
CA TYR A 49 18.16 -26.34 19.62
C TYR A 49 19.52 -25.75 19.22
N SER A 50 19.71 -24.46 19.48
CA SER A 50 20.84 -23.75 18.93
C SER A 50 22.05 -23.79 19.86
N GLN A 51 22.52 -25.00 20.15
CA GLN A 51 23.74 -25.18 20.93
C GLN A 51 24.39 -26.50 20.51
N GLY A 52 25.70 -26.61 20.71
CA GLY A 52 26.37 -27.89 20.53
C GLY A 52 27.11 -28.00 19.20
N ARG A 53 27.74 -29.15 19.01
CA ARG A 53 28.64 -29.35 17.88
C ARG A 53 27.96 -29.17 16.52
N GLN A 54 26.80 -29.76 16.31
CA GLN A 54 26.16 -29.54 15.01
C GLN A 54 25.74 -28.08 14.81
N TRP A 55 25.31 -27.41 15.89
CA TRP A 55 24.85 -26.03 15.75
C TRP A 55 25.94 -25.10 15.26
N GLN A 56 27.11 -25.09 15.90
CA GLN A 56 28.22 -24.35 15.29
C GLN A 56 28.68 -25.29 14.22
N ILE A 57 29.23 -24.80 13.13
CA ILE A 57 29.39 -25.64 11.91
C ILE A 57 28.32 -25.17 10.99
N ILE A 58 27.06 -25.44 11.37
CA ILE A 58 25.95 -24.84 10.64
C ILE A 58 26.07 -23.32 10.74
N ARG A 59 26.29 -22.84 11.96
CA ARG A 59 26.42 -21.41 12.18
C ARG A 59 27.69 -20.86 11.52
N GLN A 60 28.81 -21.56 11.70
CA GLN A 60 30.06 -21.17 11.08
C GLN A 60 29.91 -21.15 9.57
N ARG A 61 29.29 -22.19 9.01
CA ARG A 61 29.09 -22.25 7.57
C ARG A 61 28.25 -21.07 7.10
N SER A 62 27.29 -20.68 7.93
CA SER A 62 26.40 -19.59 7.59
C SER A 62 27.14 -18.24 7.61
N GLU A 63 27.94 -18.03 8.64
CA GLU A 63 28.78 -16.82 8.74
C GLU A 63 29.76 -16.68 7.56
N LYS A 64 30.30 -17.80 7.08
CA LYS A 64 31.23 -17.77 5.95
C LYS A 64 30.52 -17.25 4.71
N LYS A 65 29.34 -17.79 4.41
CA LYS A 65 28.57 -17.26 3.29
C LYS A 65 28.17 -15.79 3.50
N LEU A 66 27.84 -15.40 4.73
CA LEU A 66 27.35 -14.04 4.95
C LEU A 66 28.43 -12.98 4.61
N LYS A 67 29.70 -13.36 4.68
CA LYS A 67 30.79 -12.41 4.40
C LYS A 67 30.65 -11.80 3.00
N THR A 68 30.10 -12.55 2.06
CA THR A 68 29.94 -12.01 0.72
C THR A 68 28.49 -11.77 0.33
N SER A 69 27.59 -11.75 1.30
CA SER A 69 26.18 -11.48 1.00
C SER A 69 26.00 -10.04 0.49
N LYS A 70 25.16 -9.87 -0.53
CA LYS A 70 24.96 -8.58 -1.18
C LYS A 70 23.59 -7.94 -0.92
N SER A 71 22.70 -8.65 -0.22
CA SER A 71 21.44 -8.03 0.18
C SER A 71 20.87 -8.73 1.39
N TYR A 72 19.87 -8.10 2.01
CA TYR A 72 19.15 -8.68 3.15
C TYR A 72 18.43 -9.94 2.75
N GLN A 73 17.76 -9.90 1.61
CA GLN A 73 17.07 -11.07 1.06
C GLN A 73 18.03 -12.25 0.94
N GLU A 74 19.25 -11.98 0.46
CA GLU A 74 20.27 -13.01 0.30
C GLU A 74 20.68 -13.52 1.67
N SER A 75 20.89 -12.59 2.60
CA SER A 75 21.21 -12.98 3.97
C SER A 75 20.15 -13.88 4.60
N ARG A 76 18.87 -13.62 4.34
CA ARG A 76 17.81 -14.46 4.89
C ARG A 76 17.91 -15.85 4.28
N ASN A 77 18.21 -15.93 2.99
CA ASN A 77 18.41 -17.23 2.33
C ASN A 77 19.58 -17.98 2.96
N ILE A 78 20.67 -17.26 3.21
CA ILE A 78 21.86 -17.87 3.81
C ILE A 78 21.63 -18.39 5.25
N VAL A 79 20.84 -17.71 6.07
CA VAL A 79 20.69 -18.19 7.47
C VAL A 79 19.51 -19.15 7.67
N GLN A 80 18.80 -19.46 6.59
CA GLN A 80 17.64 -20.34 6.64
C GLN A 80 17.92 -21.69 7.30
N GLU A 81 19.05 -22.32 6.94
CA GLU A 81 19.40 -23.62 7.53
C GLU A 81 19.59 -23.46 9.04
N ALA A 82 20.25 -22.39 9.43
CA ALA A 82 20.53 -22.10 10.82
C ALA A 82 19.23 -21.88 11.60
N VAL A 83 18.30 -21.14 11.01
CA VAL A 83 17.02 -20.90 11.66
C VAL A 83 16.26 -22.19 11.82
N ARG A 84 16.19 -22.97 10.74
CA ARG A 84 15.48 -24.24 10.76
C ARG A 84 16.11 -25.22 11.74
N TYR A 85 17.44 -25.21 11.86
CA TYR A 85 18.10 -26.13 12.79
C TYR A 85 17.98 -25.62 14.21
N GLY A 86 18.26 -24.33 14.38
CA GLY A 86 18.36 -23.74 15.70
C GLY A 86 17.03 -23.61 16.38
N GLY A 87 15.98 -23.48 15.57
CA GLY A 87 14.65 -23.27 16.10
C GLY A 87 13.67 -24.40 15.82
N GLY A 88 13.95 -25.18 14.79
CA GLY A 88 13.07 -26.31 14.44
C GLY A 88 12.03 -25.91 13.43
N LYS A 89 11.13 -26.84 13.12
CA LYS A 89 10.20 -26.67 12.00
C LYS A 89 9.13 -25.59 12.21
N HIS A 90 9.01 -25.06 13.43
CA HIS A 90 8.04 -24.02 13.70
C HIS A 90 8.70 -22.65 13.54
N SER A 91 10.01 -22.65 13.30
CA SER A 91 10.73 -21.39 13.15
C SER A 91 10.87 -20.99 11.69
N GLN A 92 10.94 -19.68 11.42
CA GLN A 92 11.23 -19.21 10.06
C GLN A 92 11.47 -17.70 10.00
N ILE A 93 11.97 -17.25 8.87
CA ILE A 93 12.14 -15.83 8.58
C ILE A 93 11.12 -15.44 7.52
N LEU A 94 10.24 -14.50 7.84
CA LEU A 94 9.31 -14.00 6.86
C LEU A 94 9.74 -12.60 6.40
N SER A 95 9.85 -12.42 5.09
CA SER A 95 10.15 -11.12 4.54
C SER A 95 8.95 -10.22 4.83
N LYS A 96 9.17 -8.92 4.74
CA LYS A 96 8.11 -7.94 4.94
C LYS A 96 6.90 -8.22 4.05
N GLU A 97 7.15 -8.57 2.79
CA GLU A 97 6.06 -8.80 1.85
C GLU A 97 5.25 -10.04 2.23
N THR A 98 5.94 -11.13 2.56
CA THR A 98 5.31 -12.38 2.99
C THR A 98 4.46 -12.16 4.25
N VAL A 99 4.97 -11.33 5.17
CA VAL A 99 4.27 -11.03 6.41
C VAL A 99 2.95 -10.30 6.13
N ARG A 100 2.95 -9.40 5.14
CA ARG A 100 1.74 -8.66 4.81
C ARG A 100 0.71 -9.52 4.06
N ARG A 101 1.16 -10.31 3.08
CA ARG A 101 0.24 -11.19 2.37
C ARG A 101 -0.44 -12.15 3.34
N ASP A 102 0.32 -12.65 4.31
CA ASP A 102 -0.25 -13.53 5.32
C ASP A 102 -1.27 -12.77 6.19
N THR A 103 -1.00 -11.52 6.48
CA THR A 103 -1.94 -10.73 7.26
C THR A 103 -3.26 -10.58 6.52
N LEU A 104 -3.22 -10.57 5.19
CA LEU A 104 -4.41 -10.31 4.37
C LEU A 104 -5.27 -11.56 4.17
N ASP A 105 -4.78 -12.69 4.68
CA ASP A 105 -5.52 -13.95 4.63
C ASP A 105 -6.42 -14.13 5.86
N SER A 106 -6.44 -13.12 6.73
CA SER A 106 -7.17 -13.22 7.98
C SER A 106 -8.70 -13.28 7.80
N ARG A 107 -9.37 -14.06 8.63
CA ARG A 107 -10.82 -14.19 8.48
C ARG A 107 -11.51 -13.96 9.81
N TYR A 108 -12.81 -13.67 9.78
CA TYR A 108 -13.56 -13.55 11.02
C TYR A 108 -14.41 -14.79 11.33
N PRO A 109 -14.68 -15.03 12.63
CA PRO A 109 -15.51 -16.16 13.07
C PRO A 109 -16.89 -16.08 12.48
N GLU A 110 -17.54 -17.22 12.34
CA GLU A 110 -18.89 -17.36 11.79
C GLU A 110 -19.60 -18.37 12.65
N TYR A 111 -20.93 -18.29 12.73
CA TYR A 111 -21.70 -19.39 13.32
C TYR A 111 -22.93 -19.72 12.49
N ARG A 112 -23.40 -20.95 12.61
CA ARG A 112 -24.70 -21.36 12.10
C ARG A 112 -25.45 -22.11 13.20
N ARG A 113 -26.72 -21.79 13.40
CA ARG A 113 -27.52 -22.58 14.31
C ARG A 113 -27.83 -23.95 13.71
N LEU A 114 -27.44 -25.02 14.40
CA LEU A 114 -27.76 -26.38 13.97
C LEU A 114 -29.17 -26.78 14.37
N ASN A 115 -29.56 -26.42 15.58
CA ASN A 115 -30.93 -26.57 16.03
C ASN A 115 -31.11 -25.64 17.20
N GLU A 116 -32.23 -25.75 17.90
CA GLU A 116 -32.51 -24.77 18.95
C GLU A 116 -31.48 -24.83 20.09
N ASP A 117 -30.70 -25.91 20.18
CA ASP A 117 -29.80 -26.06 21.33
C ASP A 117 -28.31 -25.98 21.00
N ILE A 118 -27.97 -26.15 19.72
CA ILE A 118 -26.57 -26.24 19.30
C ILE A 118 -26.16 -25.19 18.27
N LEU A 119 -25.12 -24.42 18.59
CA LEU A 119 -24.50 -23.51 17.63
C LEU A 119 -23.19 -24.10 17.11
N LEU A 120 -22.95 -23.96 15.82
CA LEU A 120 -21.70 -24.38 15.21
C LEU A 120 -20.82 -23.14 14.98
N ILE A 121 -19.73 -23.00 15.73
CA ILE A 121 -18.90 -21.81 15.55
C ILE A 121 -17.59 -22.12 14.82
N THR A 122 -17.39 -21.44 13.71
CA THR A 122 -16.17 -21.52 12.92
C THR A 122 -15.17 -20.49 13.44
N ILE A 123 -13.97 -20.97 13.80
CA ILE A 123 -12.96 -20.13 14.41
C ILE A 123 -11.69 -20.14 13.56
N PRO A 124 -11.53 -19.13 12.67
CA PRO A 124 -10.49 -19.21 11.63
C PRO A 124 -9.18 -18.53 12.00
N SER A 125 -8.15 -18.79 11.19
CA SER A 125 -6.88 -18.06 11.23
C SER A 125 -7.06 -16.55 11.15
N ILE A 126 -6.36 -15.83 12.02
CA ILE A 126 -6.20 -14.40 11.89
C ILE A 126 -4.82 -14.02 12.40
N SER A 127 -4.10 -13.25 11.59
CA SER A 127 -2.73 -12.87 11.88
C SER A 127 -2.59 -11.38 12.15
N LYS A 128 -3.71 -10.67 12.04
CA LYS A 128 -3.68 -9.23 12.17
C LYS A 128 -3.29 -8.84 13.57
N LEU A 129 -2.65 -7.67 13.67
CA LEU A 129 -2.17 -7.11 14.93
C LEU A 129 -2.98 -5.89 15.33
N ASP A 130 -3.46 -5.15 14.33
CA ASP A 130 -4.16 -3.90 14.59
C ASP A 130 -5.39 -4.10 15.47
N LYS A 131 -5.55 -3.18 16.42
CA LYS A 131 -6.55 -3.27 17.48
C LYS A 131 -7.98 -3.43 16.97
N ARG A 132 -8.30 -2.76 15.86
CA ARG A 132 -9.66 -2.77 15.35
C ARG A 132 -10.03 -4.14 14.84
N SER A 133 -9.17 -4.71 13.99
CA SER A 133 -9.40 -6.03 13.42
C SER A 133 -9.53 -7.10 14.49
N ILE A 134 -8.64 -7.07 15.48
CA ILE A 134 -8.60 -8.16 16.45
C ILE A 134 -9.77 -8.02 17.38
N SER A 135 -10.24 -6.79 17.61
CA SER A 135 -11.43 -6.56 18.43
C SER A 135 -12.74 -6.93 17.69
N HIS A 136 -12.75 -6.75 16.38
CA HIS A 136 -13.87 -7.23 15.59
C HIS A 136 -13.93 -8.76 15.63
N TYR A 137 -12.77 -9.43 15.57
CA TYR A 137 -12.75 -10.89 15.63
C TYR A 137 -13.23 -11.39 16.97
N SER A 138 -12.63 -10.91 18.06
CA SER A 138 -13.04 -11.34 19.40
C SER A 138 -14.46 -10.91 19.73
N GLY A 139 -14.84 -9.71 19.32
CA GLY A 139 -16.19 -9.19 19.59
C GLY A 139 -17.28 -10.04 18.97
N LYS A 140 -17.05 -10.46 17.74
CA LYS A 140 -17.95 -11.38 17.05
C LYS A 140 -18.14 -12.66 17.87
N LEU A 141 -17.07 -13.19 18.45
CA LEU A 141 -17.14 -14.41 19.23
C LEU A 141 -17.90 -14.16 20.53
N GLN A 142 -17.45 -13.13 21.25
CA GLN A 142 -18.09 -12.70 22.47
C GLN A 142 -19.62 -12.57 22.27
N ASN A 143 -20.04 -11.87 21.23
CA ASN A 143 -21.47 -11.69 21.01
C ASN A 143 -22.20 -13.01 20.86
N ILE A 144 -21.63 -13.90 20.07
CA ILE A 144 -22.24 -15.21 19.85
C ILE A 144 -22.41 -15.95 21.16
N LEU A 145 -21.36 -15.97 21.96
CA LEU A 145 -21.32 -16.78 23.18
C LEU A 145 -22.17 -16.16 24.29
N MET A 146 -22.21 -14.83 24.35
CA MET A 146 -22.89 -14.13 25.46
C MET A 146 -24.38 -13.78 25.17
N GLU A 147 -24.70 -13.49 23.92
CA GLU A 147 -26.04 -13.02 23.58
C GLU A 147 -26.90 -13.97 22.73
N LYS A 148 -26.42 -15.18 22.47
CA LYS A 148 -27.22 -16.13 21.72
C LYS A 148 -27.72 -17.20 22.67
N SER A 149 -28.75 -17.91 22.22
CA SER A 149 -29.33 -18.93 23.06
C SER A 149 -28.91 -20.32 22.59
N TYR A 150 -28.41 -21.13 23.52
CA TYR A 150 -27.94 -22.48 23.20
C TYR A 150 -27.77 -23.27 24.48
N LYS A 151 -27.63 -24.59 24.33
CA LYS A 151 -27.30 -25.49 25.44
C LYS A 151 -26.00 -26.26 25.18
N GLY A 152 -25.47 -26.11 23.97
CA GLY A 152 -24.26 -26.81 23.59
C GLY A 152 -23.57 -26.09 22.45
N LEU A 153 -22.24 -26.26 22.35
CA LEU A 153 -21.45 -25.58 21.32
C LEU A 153 -20.56 -26.54 20.51
N ILE A 154 -20.39 -26.24 19.23
CA ILE A 154 -19.35 -26.91 18.47
C ILE A 154 -18.36 -25.83 18.05
N LEU A 155 -17.11 -26.02 18.44
CA LEU A 155 -16.05 -25.08 18.14
C LEU A 155 -15.19 -25.71 17.09
N ASP A 156 -15.15 -25.11 15.91
CA ASP A 156 -14.48 -25.72 14.77
C ASP A 156 -13.18 -25.00 14.45
N LEU A 157 -12.08 -25.72 14.70
CA LEU A 157 -10.72 -25.21 14.49
C LEU A 157 -10.07 -25.84 13.26
N SER A 158 -10.84 -26.61 12.48
CA SER A 158 -10.33 -27.13 11.18
C SER A 158 -9.66 -26.04 10.38
N ASN A 159 -8.52 -26.33 9.79
CA ASN A 159 -7.90 -25.39 8.86
C ASN A 159 -7.45 -24.08 9.49
N ASN A 160 -7.55 -23.95 10.80
CA ASN A 160 -7.02 -22.74 11.45
C ASN A 160 -5.54 -22.98 11.72
N THR A 161 -4.68 -22.29 10.97
CA THR A 161 -3.22 -22.52 11.07
C THR A 161 -2.55 -21.51 12.00
N GLY A 162 -3.34 -20.80 12.78
CA GLY A 162 -2.77 -19.95 13.80
C GLY A 162 -2.87 -18.47 13.50
N GLY A 163 -1.87 -17.74 13.95
CA GLY A 163 -1.86 -16.30 13.89
C GLY A 163 -1.83 -15.70 15.29
N ASN A 164 -2.57 -14.63 15.48
CA ASN A 164 -2.59 -13.88 16.74
C ASN A 164 -3.42 -14.58 17.81
N MET A 165 -2.77 -15.13 18.83
CA MET A 165 -3.45 -15.77 19.96
C MET A 165 -4.51 -14.89 20.65
N ILE A 166 -4.25 -13.59 20.72
CA ILE A 166 -5.04 -12.67 21.53
C ILE A 166 -6.55 -12.61 21.20
N PRO A 167 -6.92 -12.44 19.93
CA PRO A 167 -8.35 -12.48 19.56
C PRO A 167 -8.98 -13.87 19.67
N MET A 168 -8.17 -14.92 19.49
CA MET A 168 -8.67 -16.29 19.61
C MET A 168 -9.01 -16.64 21.04
N ILE A 169 -8.04 -16.47 21.93
CA ILE A 169 -8.29 -16.78 23.32
C ILE A 169 -9.29 -15.78 23.87
N GLY A 170 -9.09 -14.51 23.55
CA GLY A 170 -9.98 -13.45 24.00
C GLY A 170 -11.46 -13.62 23.68
N GLY A 171 -11.76 -13.95 22.44
CA GLY A 171 -13.14 -14.12 22.03
C GLY A 171 -13.79 -15.29 22.76
N LEU A 172 -12.98 -16.26 23.16
CA LEU A 172 -13.50 -17.46 23.82
C LEU A 172 -13.43 -17.33 25.35
N ALA A 173 -13.18 -16.12 25.83
CA ALA A 173 -12.92 -15.89 27.25
C ALA A 173 -14.06 -16.40 28.12
N SER A 174 -15.29 -16.15 27.68
CA SER A 174 -16.45 -16.53 28.47
C SER A 174 -16.57 -18.03 28.73
N ILE A 175 -15.88 -18.85 27.92
CA ILE A 175 -15.93 -20.30 28.15
C ILE A 175 -14.59 -20.89 28.60
N LEU A 176 -13.67 -20.04 29.00
CA LEU A 176 -12.37 -20.52 29.51
C LEU A 176 -12.14 -20.10 30.97
N PRO A 177 -11.31 -20.85 31.68
CA PRO A 177 -11.01 -20.58 33.09
C PRO A 177 -10.28 -19.25 33.24
N ASN A 178 -10.52 -18.53 34.33
CA ASN A 178 -9.64 -17.41 34.68
C ASN A 178 -8.45 -17.97 35.47
N ASP A 179 -7.61 -18.72 34.78
CA ASP A 179 -6.55 -19.50 35.43
C ASP A 179 -5.54 -19.90 34.36
N THR A 180 -4.69 -20.86 34.70
CA THR A 180 -3.69 -21.37 33.80
C THR A 180 -4.32 -21.91 32.51
N LEU A 181 -3.79 -21.49 31.37
CA LEU A 181 -4.22 -22.01 30.08
C LEU A 181 -3.29 -23.13 29.58
N PHE A 182 -1.99 -22.85 29.53
CA PHE A 182 -0.97 -23.88 29.30
C PHE A 182 0.36 -23.39 29.89
N HIS A 183 1.36 -24.25 29.97
CA HIS A 183 2.72 -23.86 30.41
C HIS A 183 3.73 -23.91 29.26
N TYR A 184 4.86 -23.25 29.42
CA TYR A 184 5.92 -23.41 28.45
C TYR A 184 7.28 -23.19 29.12
N THR A 185 8.28 -23.95 28.67
CA THR A 185 9.62 -23.89 29.26
C THR A 185 10.68 -23.56 28.21
N ASP A 186 11.60 -22.64 28.51
CA ASP A 186 12.61 -22.26 27.51
C ASP A 186 13.88 -23.12 27.58
N LYS A 187 14.86 -22.82 26.73
CA LYS A 187 16.09 -23.62 26.70
C LYS A 187 16.88 -23.52 28.00
N TYR A 188 16.66 -22.47 28.79
CA TYR A 188 17.38 -22.32 30.05
C TYR A 188 16.62 -22.98 31.22
N GLY A 189 15.55 -23.69 30.90
CA GLY A 189 14.79 -24.37 31.94
C GLY A 189 13.84 -23.48 32.72
N ASN A 190 13.64 -22.25 32.27
CA ASN A 190 12.64 -21.34 32.85
C ASN A 190 11.22 -21.77 32.47
N LYS A 191 10.44 -22.19 33.46
CA LYS A 191 9.05 -22.55 33.22
C LYS A 191 8.12 -21.38 33.45
N LYS A 192 7.28 -21.10 32.46
CA LYS A 192 6.31 -20.02 32.59
C LYS A 192 4.90 -20.52 32.28
N THR A 193 3.94 -19.63 32.45
CA THR A 193 2.55 -20.03 32.33
C THR A 193 1.80 -18.98 31.54
N ILE A 194 0.99 -19.39 30.57
CA ILE A 194 0.04 -18.46 29.98
C ILE A 194 -1.33 -18.61 30.70
N THR A 195 -1.76 -17.57 31.39
CA THR A 195 -3.04 -17.55 32.10
C THR A 195 -3.93 -16.56 31.39
N MET A 196 -5.20 -16.54 31.78
CA MET A 196 -6.13 -15.61 31.17
C MET A 196 -5.68 -14.17 31.45
N LYS A 197 -5.03 -13.91 32.59
CA LYS A 197 -4.45 -12.58 32.87
C LYS A 197 -3.36 -12.11 31.89
N ASN A 198 -2.47 -13.00 31.47
CA ASN A 198 -1.48 -12.63 30.45
C ASN A 198 -2.11 -12.26 29.09
N ILE A 199 -3.44 -12.41 28.96
CA ILE A 199 -4.11 -12.10 27.70
C ILE A 199 -4.62 -10.68 27.75
N PRO A 200 -4.18 -9.83 26.80
CA PRO A 200 -4.58 -8.42 26.84
C PRO A 200 -6.05 -8.19 26.53
N LEU A 201 -6.94 -8.61 27.41
CA LEU A 201 -8.36 -8.46 27.19
C LEU A 201 -8.77 -6.97 27.13
N GLU A 202 -8.14 -6.15 27.97
CA GLU A 202 -8.42 -4.72 28.01
C GLU A 202 -8.38 -4.13 26.59
N ALA A 203 -7.33 -4.45 25.84
CA ALA A 203 -7.22 -4.06 24.44
C ALA A 203 -8.44 -4.44 23.56
N LEU A 204 -9.07 -5.58 23.84
CA LEU A 204 -10.23 -6.01 23.08
C LEU A 204 -11.53 -5.39 23.62
N LYS A 205 -11.39 -4.56 24.64
CA LYS A 205 -12.51 -4.03 25.43
C LYS A 205 -13.46 -5.13 25.84
N ILE A 206 -12.91 -6.22 26.34
CA ILE A 206 -13.68 -7.30 26.92
C ILE A 206 -13.42 -7.34 28.43
N SER A 207 -14.46 -7.57 29.20
CA SER A 207 -14.34 -7.45 30.64
C SER A 207 -14.02 -8.76 31.32
N ARG A 208 -13.07 -8.69 32.24
CA ARG A 208 -12.66 -9.89 32.96
C ARG A 208 -13.83 -10.50 33.74
N LYS A 209 -14.90 -9.75 33.94
CA LYS A 209 -16.05 -10.28 34.65
C LYS A 209 -16.82 -11.28 33.80
N THR A 210 -16.51 -11.36 32.51
CA THR A 210 -17.21 -12.30 31.65
C THR A 210 -16.46 -13.63 31.51
N ILE A 211 -15.21 -13.66 31.95
CA ILE A 211 -14.39 -14.88 31.88
C ILE A 211 -15.05 -16.05 32.58
N ASN A 212 -15.19 -17.16 31.86
CA ASN A 212 -15.67 -18.43 32.43
C ASN A 212 -17.13 -18.37 32.92
N THR A 213 -17.95 -17.55 32.29
CA THR A 213 -19.35 -17.43 32.72
C THR A 213 -20.33 -18.32 31.95
N LYS A 214 -19.87 -19.02 30.92
CA LYS A 214 -20.76 -19.98 30.25
C LYS A 214 -20.29 -21.40 30.46
N HIS A 215 -21.21 -22.26 30.88
CA HIS A 215 -20.88 -23.64 31.14
C HIS A 215 -21.87 -24.56 30.45
N VAL A 216 -21.54 -24.98 29.25
CA VAL A 216 -22.32 -25.93 28.48
C VAL A 216 -21.37 -26.98 27.96
N PRO A 217 -21.90 -28.15 27.60
CA PRO A 217 -21.07 -29.11 26.87
C PRO A 217 -20.47 -28.45 25.64
N ILE A 218 -19.18 -28.69 25.42
CA ILE A 218 -18.50 -28.11 24.29
C ILE A 218 -17.81 -29.21 23.48
N ALA A 219 -18.12 -29.27 22.19
CA ALA A 219 -17.39 -30.17 21.31
C ALA A 219 -16.41 -29.36 20.45
N ILE A 220 -15.17 -29.79 20.40
CA ILE A 220 -14.15 -29.10 19.63
C ILE A 220 -13.67 -29.94 18.46
N ILE A 221 -13.67 -29.36 17.26
CA ILE A 221 -13.24 -30.12 16.09
C ILE A 221 -11.88 -29.62 15.58
N THR A 222 -11.00 -30.55 15.26
CA THR A 222 -9.69 -30.24 14.73
C THR A 222 -9.45 -31.11 13.50
N ASN A 223 -8.58 -30.67 12.59
CA ASN A 223 -8.13 -31.56 11.51
C ASN A 223 -6.63 -31.42 11.36
N HIS A 224 -6.04 -32.08 10.36
CA HIS A 224 -4.59 -32.11 10.21
C HIS A 224 -3.95 -30.74 10.01
N LYS A 225 -4.74 -29.76 9.56
CA LYS A 225 -4.21 -28.43 9.29
C LYS A 225 -4.24 -27.53 10.54
N THR A 226 -5.06 -27.89 11.52
CA THR A 226 -5.13 -27.12 12.77
C THR A 226 -3.75 -26.94 13.38
N ALA A 227 -3.26 -25.71 13.47
CA ALA A 227 -1.86 -25.52 13.85
C ALA A 227 -1.58 -24.33 14.76
N SER A 228 -0.52 -24.45 15.56
CA SER A 228 0.14 -23.31 16.14
C SER A 228 -0.77 -22.63 17.19
N SER A 229 -1.07 -21.35 17.00
CA SER A 229 -1.96 -20.64 17.93
C SER A 229 -3.26 -21.41 18.14
N ALA A 230 -3.73 -22.03 17.06
CA ALA A 230 -4.94 -22.81 17.08
C ALA A 230 -4.74 -24.04 17.93
N GLU A 231 -3.56 -24.65 17.85
CA GLU A 231 -3.26 -25.80 18.69
C GLU A 231 -3.17 -25.38 20.17
N MET A 232 -2.55 -24.23 20.45
CA MET A 232 -2.43 -23.75 21.83
C MET A 232 -3.78 -23.27 22.37
N THR A 233 -4.65 -22.80 21.48
CA THR A 233 -6.04 -22.54 21.83
C THR A 233 -6.73 -23.85 22.17
N PHE A 234 -6.52 -24.87 21.34
CA PHE A 234 -7.03 -26.20 21.64
C PHE A 234 -6.54 -26.67 23.00
N LEU A 235 -5.24 -26.53 23.29
CA LEU A 235 -4.72 -26.98 24.59
C LEU A 235 -5.38 -26.28 25.76
N SER A 236 -5.79 -25.02 25.56
CA SER A 236 -6.38 -24.24 26.65
C SER A 236 -7.72 -24.80 27.14
N PHE A 237 -8.34 -25.69 26.35
CA PHE A 237 -9.58 -26.37 26.75
C PHE A 237 -9.34 -27.76 27.31
N LYS A 238 -8.11 -28.26 27.23
CA LYS A 238 -7.83 -29.64 27.61
C LYS A 238 -7.99 -29.88 29.09
N GLY A 239 -8.63 -30.99 29.43
CA GLY A 239 -8.96 -31.28 30.81
C GLY A 239 -10.24 -30.64 31.33
N LEU A 240 -10.83 -29.70 30.58
CA LEU A 240 -12.13 -29.17 31.03
C LEU A 240 -13.17 -30.29 30.98
N PRO A 241 -13.93 -30.48 32.06
CA PRO A 241 -14.81 -31.66 32.16
C PRO A 241 -16.02 -31.59 31.23
N ASN A 242 -16.39 -30.39 30.79
CA ASN A 242 -17.53 -30.23 29.91
C ASN A 242 -17.14 -30.33 28.42
N VAL A 243 -15.85 -30.52 28.16
CA VAL A 243 -15.31 -30.42 26.81
C VAL A 243 -14.90 -31.78 26.29
N LYS A 244 -15.10 -32.01 24.99
CA LYS A 244 -14.62 -33.22 24.33
C LYS A 244 -14.27 -32.90 22.86
N SER A 245 -13.25 -33.54 22.31
CA SER A 245 -12.79 -33.17 20.99
C SER A 245 -12.91 -34.31 19.99
N PHE A 246 -13.15 -33.96 18.72
CA PHE A 246 -13.42 -34.90 17.62
C PHE A 246 -12.62 -34.53 16.39
N GLY A 247 -12.27 -35.52 15.57
CA GLY A 247 -11.65 -35.22 14.29
C GLY A 247 -10.33 -35.94 14.09
N GLN A 248 -9.32 -35.21 13.63
CA GLN A 248 -8.01 -35.84 13.46
C GLN A 248 -6.93 -35.11 14.23
N ALA A 249 -5.80 -35.77 14.37
CA ALA A 249 -4.61 -35.18 14.98
C ALA A 249 -4.27 -33.85 14.33
N THR A 250 -3.81 -32.91 15.13
CA THR A 250 -3.44 -31.59 14.61
C THR A 250 -2.07 -31.58 13.91
N ALA A 251 -1.63 -30.42 13.43
CA ALA A 251 -0.47 -30.36 12.54
C ALA A 251 0.83 -30.62 13.26
N GLY A 252 0.86 -30.39 14.57
CA GLY A 252 2.06 -30.65 15.35
C GLY A 252 3.01 -29.47 15.39
N TYR A 253 2.48 -28.27 15.68
CA TYR A 253 3.32 -27.08 15.82
C TYR A 253 3.11 -26.55 17.23
N THR A 254 3.10 -27.50 18.17
CA THR A 254 2.90 -27.19 19.57
C THR A 254 4.24 -26.77 20.16
N THR A 255 4.67 -25.56 19.79
CA THR A 255 5.74 -24.88 20.51
C THR A 255 5.43 -23.40 20.54
N VAL A 256 5.89 -22.74 21.59
CA VAL A 256 5.78 -21.29 21.66
C VAL A 256 6.88 -20.60 20.82
N ASN A 257 6.49 -19.63 20.00
CA ASN A 257 7.47 -18.78 19.31
C ASN A 257 7.52 -17.38 19.89
N GLU A 258 8.68 -16.74 19.72
CA GLU A 258 8.82 -15.31 19.97
C GLU A 258 9.18 -14.71 18.62
N THR A 259 8.68 -13.50 18.34
CA THR A 259 8.85 -12.95 17.02
C THR A 259 9.64 -11.65 17.11
N PHE A 260 10.67 -11.54 16.28
CA PHE A 260 11.61 -10.42 16.32
C PHE A 260 11.53 -9.62 15.03
N MET A 261 11.21 -8.33 15.16
CA MET A 261 11.10 -7.45 13.99
C MET A 261 12.49 -7.03 13.56
N LEU A 262 12.84 -7.37 12.33
CA LEU A 262 14.18 -7.08 11.83
C LEU A 262 14.23 -5.69 11.18
N TYR A 263 15.43 -5.25 10.82
CA TYR A 263 15.64 -3.88 10.40
C TYR A 263 14.72 -3.41 9.26
N ASP A 264 14.42 -4.27 8.29
CA ASP A 264 13.67 -3.82 7.12
C ASP A 264 12.21 -4.26 7.13
N GLY A 265 11.69 -4.63 8.31
CA GLY A 265 10.31 -5.08 8.41
C GLY A 265 10.11 -6.58 8.22
N ALA A 266 11.20 -7.30 7.97
CA ALA A 266 11.09 -8.74 7.98
C ALA A 266 10.95 -9.22 9.43
N ARG A 267 10.37 -10.40 9.61
CA ARG A 267 10.18 -10.98 10.96
C ARG A 267 10.88 -12.31 11.13
N LEU A 268 11.63 -12.45 12.23
CA LEU A 268 12.14 -13.74 12.65
C LEU A 268 11.17 -14.35 13.66
N ALA A 269 10.47 -15.40 13.25
CA ALA A 269 9.66 -16.21 14.14
C ALA A 269 10.51 -17.33 14.73
N LEU A 270 10.83 -17.24 16.01
CA LEU A 270 11.80 -18.15 16.64
C LEU A 270 11.18 -19.01 17.76
N THR A 271 11.41 -20.32 17.69
CA THR A 271 10.81 -21.22 18.69
C THR A 271 11.62 -21.17 19.97
N THR A 272 10.95 -20.92 21.09
CA THR A 272 11.68 -20.69 22.34
C THR A 272 11.15 -21.49 23.50
N GLY A 273 10.01 -22.16 23.30
CA GLY A 273 9.34 -22.84 24.38
C GLY A 273 8.70 -24.17 24.02
N ILE A 274 9.00 -25.17 24.82
CA ILE A 274 8.31 -26.45 24.82
C ILE A 274 7.05 -26.24 25.63
N VAL A 275 6.03 -27.06 25.40
CA VAL A 275 4.70 -26.78 25.92
C VAL A 275 4.13 -27.94 26.76
N SER A 276 3.37 -27.62 27.80
CA SER A 276 2.58 -28.67 28.47
C SER A 276 1.21 -28.15 28.81
N ASP A 277 0.21 -29.01 28.79
CA ASP A 277 -1.16 -28.61 29.10
C ASP A 277 -1.39 -28.70 30.62
N ARG A 278 -2.61 -28.33 31.05
CA ARG A 278 -2.97 -28.32 32.49
C ARG A 278 -2.80 -29.70 33.12
N GLN A 279 -2.93 -30.75 32.31
CA GLN A 279 -2.96 -32.12 32.79
C GLN A 279 -1.55 -32.67 32.94
N GLY A 280 -0.57 -31.92 32.46
CA GLY A 280 0.82 -32.30 32.59
C GLY A 280 1.42 -32.93 31.35
N TYR A 281 0.64 -33.11 30.30
CA TYR A 281 1.15 -33.71 29.06
C TYR A 281 2.11 -32.80 28.32
N LYS A 282 3.21 -33.33 27.82
CA LYS A 282 4.20 -32.50 27.13
C LYS A 282 4.07 -32.52 25.61
N TYR A 283 4.33 -31.38 24.99
CA TYR A 283 4.25 -31.26 23.54
C TYR A 283 5.51 -30.57 23.05
N GLU A 284 6.05 -31.05 21.95
CA GLU A 284 7.20 -30.39 21.33
C GLU A 284 7.07 -30.56 19.82
N ASN A 285 6.22 -29.75 19.21
CA ASN A 285 5.95 -29.87 17.79
C ASN A 285 5.41 -31.27 17.54
N THR A 286 4.48 -31.65 18.40
CA THR A 286 3.84 -32.95 18.31
C THR A 286 2.32 -32.78 18.20
N PRO A 287 1.70 -33.59 17.33
CA PRO A 287 0.27 -33.46 17.08
C PRO A 287 -0.58 -33.71 18.34
N ILE A 288 -1.73 -33.05 18.41
CA ILE A 288 -2.65 -33.29 19.49
C ILE A 288 -3.73 -34.27 19.02
N LEU A 289 -3.90 -35.36 19.76
CA LEU A 289 -4.96 -36.33 19.50
C LEU A 289 -6.31 -35.84 20.04
N PRO A 290 -7.34 -35.77 19.20
CA PRO A 290 -8.66 -35.49 19.76
C PRO A 290 -9.12 -36.67 20.59
N ASP A 291 -10.11 -36.49 21.47
CA ASP A 291 -10.60 -37.59 22.29
C ASP A 291 -11.14 -38.73 21.44
N GLN A 292 -11.74 -38.36 20.31
CA GLN A 292 -12.47 -39.29 19.47
C GLN A 292 -12.06 -39.08 18.01
N VAL A 293 -11.17 -39.93 17.51
CA VAL A 293 -10.66 -39.80 16.16
C VAL A 293 -11.72 -40.25 15.14
N THR A 294 -11.97 -39.45 14.11
CA THR A 294 -13.02 -39.76 13.15
C THR A 294 -12.96 -38.85 11.94
N SER A 295 -13.51 -39.32 10.83
CA SER A 295 -13.57 -38.52 9.62
C SER A 295 -14.92 -37.83 9.50
N LEU A 296 -15.80 -38.09 10.47
CA LEU A 296 -17.11 -37.46 10.54
C LEU A 296 -17.31 -36.69 11.85
N PRO A 297 -16.44 -35.71 12.14
CA PRO A 297 -16.53 -35.09 13.47
C PRO A 297 -17.77 -34.20 13.67
N LEU A 298 -18.33 -33.61 12.63
CA LEU A 298 -19.57 -32.84 12.83
C LEU A 298 -20.70 -33.76 13.26
N GLN A 299 -20.77 -34.91 12.62
CA GLN A 299 -21.83 -35.88 12.90
C GLN A 299 -21.68 -36.38 14.35
N GLU A 300 -20.50 -36.90 14.67
CA GLU A 300 -20.28 -37.51 15.97
C GLU A 300 -20.37 -36.46 17.07
N SER A 301 -19.92 -35.24 16.77
CA SER A 301 -20.06 -34.08 17.66
C SER A 301 -21.47 -33.78 18.12
N GLN A 302 -22.40 -33.73 17.18
CA GLN A 302 -23.79 -33.41 17.50
C GLN A 302 -24.38 -34.50 18.37
N SER A 303 -24.16 -35.75 18.00
CA SER A 303 -24.70 -36.85 18.76
C SER A 303 -24.18 -36.80 20.18
N TRP A 304 -22.87 -36.59 20.34
CA TRP A 304 -22.31 -36.48 21.68
C TRP A 304 -22.98 -35.35 22.42
N LEU A 305 -23.17 -34.22 21.75
CA LEU A 305 -23.78 -33.06 22.41
C LEU A 305 -25.21 -33.37 22.85
N LYS A 306 -25.95 -34.14 22.03
CA LYS A 306 -27.32 -34.53 22.39
C LYS A 306 -27.34 -35.29 23.71
N SER A 307 -26.53 -36.32 23.81
CA SER A 307 -26.44 -37.14 25.02
C SER A 307 -26.17 -36.32 26.27
N ARG A 308 -25.41 -35.24 26.16
CA ARG A 308 -25.04 -34.48 27.34
C ARG A 308 -26.07 -33.39 27.64
N ILE A 309 -26.78 -32.92 26.62
CA ILE A 309 -27.85 -31.97 26.87
C ILE A 309 -29.00 -32.65 27.60
N LEU B 23 7.11 8.86 -16.91
CA LEU B 23 7.89 9.71 -17.80
C LEU B 23 7.12 10.97 -18.21
N ASN B 24 6.89 11.12 -19.51
CA ASN B 24 6.31 12.35 -20.04
C ASN B 24 4.79 12.38 -19.93
N ILE B 25 4.31 13.04 -18.88
CA ILE B 25 2.89 13.01 -18.55
C ILE B 25 2.19 14.34 -18.80
N TYR B 26 1.02 14.29 -19.44
CA TYR B 26 0.15 15.46 -19.50
C TYR B 26 -1.15 15.25 -18.73
N LEU B 27 -1.42 16.12 -17.76
CA LEU B 27 -2.63 16.01 -16.98
C LEU B 27 -3.28 17.37 -16.73
N LEU B 28 -4.47 17.54 -17.27
CA LEU B 28 -5.34 18.60 -16.81
C LEU B 28 -6.62 17.93 -16.34
N PRO B 29 -6.70 17.58 -15.04
CA PRO B 29 -7.85 16.91 -14.43
C PRO B 29 -9.08 17.77 -14.54
N PRO B 30 -10.28 17.16 -14.55
CA PRO B 30 -11.54 17.90 -14.58
C PRO B 30 -11.78 18.73 -13.33
N SER B 31 -12.54 19.82 -13.49
CA SER B 31 -13.06 20.59 -12.38
C SER B 31 -14.01 19.73 -11.55
N SER B 32 -14.21 20.11 -10.29
CA SER B 32 -15.13 19.38 -9.42
C SER B 32 -16.50 19.37 -10.06
N GLU B 33 -16.85 20.48 -10.69
CA GLU B 33 -18.13 20.59 -11.36
C GLU B 33 -18.24 19.58 -12.50
N ARG B 34 -17.29 19.60 -13.42
CA ARG B 34 -17.30 18.67 -14.55
C ARG B 34 -17.28 17.21 -14.08
N TYR B 35 -16.50 16.94 -13.04
CA TYR B 35 -16.47 15.66 -12.36
C TYR B 35 -17.87 15.20 -12.01
N GLY B 36 -18.62 16.08 -11.36
CA GLY B 36 -20.01 15.81 -11.03
C GLY B 36 -20.94 15.59 -12.23
N ARG B 37 -20.78 16.39 -13.27
CA ARG B 37 -21.71 16.33 -14.39
C ARG B 37 -21.45 15.07 -15.22
N VAL B 38 -20.21 14.60 -15.18
CA VAL B 38 -19.85 13.37 -15.86
C VAL B 38 -20.69 12.22 -15.29
N ILE B 39 -20.97 12.30 -13.99
CA ILE B 39 -21.73 11.27 -13.28
C ILE B 39 -23.22 11.35 -13.59
N LEU B 40 -23.74 12.57 -13.65
CA LEU B 40 -25.15 12.77 -14.00
C LEU B 40 -25.41 12.26 -15.42
N ASP B 41 -24.47 12.49 -16.33
CA ASP B 41 -24.63 12.02 -17.71
C ASP B 41 -24.72 10.50 -17.79
N ARG B 42 -23.89 9.80 -17.03
CA ARG B 42 -23.97 8.34 -16.93
C ARG B 42 -25.31 7.87 -16.39
N VAL B 43 -25.76 8.50 -15.30
CA VAL B 43 -26.98 8.07 -14.66
C VAL B 43 -28.15 8.25 -15.62
N GLU B 44 -28.20 9.41 -16.28
CA GLU B 44 -29.24 9.69 -17.25
C GLU B 44 -29.18 8.69 -18.41
N GLN B 45 -27.98 8.39 -18.85
CA GLN B 45 -27.80 7.58 -20.04
C GLN B 45 -28.05 6.08 -19.79
N ARG B 46 -27.75 5.58 -18.60
CA ARG B 46 -27.84 4.13 -18.38
C ARG B 46 -28.69 3.70 -17.18
N GLY B 47 -28.98 4.62 -16.27
CA GLY B 47 -29.73 4.31 -15.07
C GLY B 47 -31.18 3.97 -15.38
N LEU B 48 -31.74 3.05 -14.61
CA LEU B 48 -33.10 2.55 -14.84
C LEU B 48 -34.20 3.60 -14.73
N TYR B 49 -34.02 4.56 -13.82
CA TYR B 49 -35.13 5.42 -13.41
C TYR B 49 -34.94 6.90 -13.77
N SER B 50 -33.84 7.22 -14.45
CA SER B 50 -33.47 8.61 -14.65
C SER B 50 -34.26 9.33 -15.77
N GLN B 51 -35.56 9.44 -15.60
CA GLN B 51 -36.36 10.25 -16.53
C GLN B 51 -37.65 10.63 -15.87
N GLY B 52 -38.40 11.52 -16.52
CA GLY B 52 -39.61 12.05 -15.94
C GLY B 52 -39.34 13.31 -15.13
N ARG B 53 -40.42 13.98 -14.70
CA ARG B 53 -40.33 15.29 -14.08
C ARG B 53 -39.54 15.29 -12.76
N GLN B 54 -39.71 14.25 -11.94
CA GLN B 54 -39.00 14.20 -10.66
C GLN B 54 -37.49 14.05 -10.87
N TRP B 55 -37.10 13.26 -11.86
CA TRP B 55 -35.69 13.12 -12.17
C TRP B 55 -35.10 14.47 -12.55
N GLN B 56 -35.80 15.18 -13.43
CA GLN B 56 -35.30 16.43 -14.01
C GLN B 56 -35.22 17.56 -12.99
N ILE B 57 -36.06 17.50 -11.98
CA ILE B 57 -35.94 18.43 -10.85
C ILE B 57 -34.69 18.10 -10.05
N ILE B 58 -34.44 16.81 -9.83
CA ILE B 58 -33.28 16.34 -9.09
C ILE B 58 -31.98 16.66 -9.82
N ARG B 59 -32.00 16.49 -11.13
CA ARG B 59 -30.85 16.83 -11.93
C ARG B 59 -30.59 18.33 -11.87
N GLN B 60 -31.61 19.14 -12.19
CA GLN B 60 -31.47 20.60 -12.20
C GLN B 60 -30.83 21.12 -10.92
N ARG B 61 -31.45 20.83 -9.78
CA ARG B 61 -30.92 21.28 -8.50
C ARG B 61 -29.51 20.77 -8.26
N SER B 62 -29.20 19.61 -8.85
CA SER B 62 -27.89 19.00 -8.65
C SER B 62 -26.83 19.82 -9.39
N GLU B 63 -27.14 20.20 -10.62
CA GLU B 63 -26.25 21.02 -11.45
C GLU B 63 -25.98 22.41 -10.85
N LYS B 64 -26.98 23.00 -10.20
CA LYS B 64 -26.79 24.28 -9.52
C LYS B 64 -25.80 24.12 -8.37
N LYS B 65 -26.01 23.09 -7.56
CA LYS B 65 -25.14 22.84 -6.40
C LYS B 65 -23.72 22.59 -6.87
N LEU B 66 -23.57 21.92 -8.01
CA LEU B 66 -22.26 21.60 -8.59
C LEU B 66 -21.47 22.83 -9.06
N LYS B 67 -22.18 23.90 -9.40
CA LYS B 67 -21.52 25.10 -9.91
C LYS B 67 -20.50 25.63 -8.93
N THR B 68 -20.67 25.30 -7.65
CA THR B 68 -19.75 25.77 -6.61
C THR B 68 -19.11 24.66 -5.78
N SER B 69 -19.13 23.43 -6.28
CA SER B 69 -18.41 22.35 -5.59
C SER B 69 -16.93 22.67 -5.58
N LYS B 70 -16.26 22.33 -4.49
CA LYS B 70 -14.86 22.67 -4.36
C LYS B 70 -13.95 21.44 -4.38
N SER B 71 -14.54 20.25 -4.42
CA SER B 71 -13.75 19.03 -4.48
C SER B 71 -14.50 17.82 -5.05
N TYR B 72 -13.77 16.75 -5.37
CA TYR B 72 -14.40 15.56 -5.91
C TYR B 72 -15.28 14.87 -4.84
N GLN B 73 -14.80 14.77 -3.60
CA GLN B 73 -15.65 14.18 -2.56
C GLN B 73 -16.90 15.02 -2.39
N GLU B 74 -16.80 16.32 -2.60
CA GLU B 74 -17.98 17.15 -2.42
C GLU B 74 -18.98 16.94 -3.55
N SER B 75 -18.47 16.84 -4.78
CA SER B 75 -19.34 16.56 -5.92
C SER B 75 -20.00 15.18 -5.79
N ARG B 76 -19.30 14.21 -5.23
CA ARG B 76 -19.90 12.91 -4.99
C ARG B 76 -21.08 13.06 -4.04
N ASN B 77 -20.88 13.90 -3.01
CA ASN B 77 -21.94 14.19 -2.06
C ASN B 77 -23.14 14.83 -2.75
N ILE B 78 -22.84 15.74 -3.67
CA ILE B 78 -23.84 16.56 -4.35
C ILE B 78 -24.69 15.81 -5.38
N VAL B 79 -24.17 14.72 -5.92
CA VAL B 79 -24.93 13.97 -6.91
C VAL B 79 -25.47 12.66 -6.32
N GLN B 80 -25.30 12.48 -5.01
CA GLN B 80 -25.78 11.28 -4.31
C GLN B 80 -27.28 11.03 -4.50
N GLU B 81 -28.09 12.06 -4.26
CA GLU B 81 -29.54 11.96 -4.44
C GLU B 81 -29.90 11.57 -5.87
N ALA B 82 -29.22 12.17 -6.84
CA ALA B 82 -29.40 11.83 -8.25
C ALA B 82 -29.10 10.36 -8.54
N VAL B 83 -28.07 9.82 -7.90
CA VAL B 83 -27.69 8.42 -8.10
C VAL B 83 -28.73 7.50 -7.48
N ARG B 84 -29.16 7.82 -6.25
CA ARG B 84 -30.12 6.99 -5.54
C ARG B 84 -31.49 7.03 -6.22
N TYR B 85 -31.81 8.13 -6.88
CA TYR B 85 -33.08 8.21 -7.62
C TYR B 85 -32.97 7.55 -9.00
N GLY B 86 -32.05 8.01 -9.84
CA GLY B 86 -31.95 7.48 -11.20
C GLY B 86 -31.51 6.03 -11.30
N GLY B 87 -31.01 5.50 -10.19
CA GLY B 87 -30.44 4.16 -10.17
C GLY B 87 -31.11 3.21 -9.20
N GLY B 88 -31.66 3.74 -8.11
CA GLY B 88 -32.32 2.90 -7.12
C GLY B 88 -31.38 2.39 -6.04
N LYS B 89 -31.92 1.64 -5.08
CA LYS B 89 -31.19 1.29 -3.87
C LYS B 89 -29.89 0.51 -4.11
N HIS B 90 -29.76 -0.13 -5.28
CA HIS B 90 -28.59 -0.97 -5.56
C HIS B 90 -27.46 -0.10 -6.10
N SER B 91 -27.74 1.19 -6.24
CA SER B 91 -26.80 2.12 -6.88
C SER B 91 -26.03 2.97 -5.87
N GLN B 92 -24.75 3.21 -6.14
CA GLN B 92 -23.91 4.04 -5.26
C GLN B 92 -22.58 4.47 -5.88
N ILE B 93 -21.95 5.47 -5.26
CA ILE B 93 -20.60 5.86 -5.61
C ILE B 93 -19.63 5.48 -4.50
N LEU B 94 -18.64 4.67 -4.85
CA LEU B 94 -17.64 4.24 -3.91
C LEU B 94 -16.36 5.06 -4.08
N SER B 95 -15.84 5.61 -2.98
CA SER B 95 -14.58 6.34 -3.06
C SER B 95 -13.47 5.34 -3.34
N LYS B 96 -12.30 5.83 -3.75
CA LYS B 96 -11.15 4.97 -4.04
C LYS B 96 -10.83 4.06 -2.84
N GLU B 97 -10.92 4.63 -1.64
CA GLU B 97 -10.52 3.95 -0.41
C GLU B 97 -11.58 2.94 0.02
N THR B 98 -12.84 3.28 -0.21
CA THR B 98 -13.93 2.38 0.10
C THR B 98 -13.87 1.13 -0.79
N VAL B 99 -13.40 1.31 -2.01
CA VAL B 99 -13.27 0.19 -2.91
C VAL B 99 -12.14 -0.72 -2.45
N ARG B 100 -11.04 -0.11 -2.01
CA ARG B 100 -9.91 -0.88 -1.52
C ARG B 100 -10.32 -1.74 -0.31
N ARG B 101 -10.98 -1.11 0.66
CA ARG B 101 -11.36 -1.81 1.88
C ARG B 101 -12.33 -2.95 1.59
N ASP B 102 -13.25 -2.71 0.66
CA ASP B 102 -14.24 -3.71 0.29
C ASP B 102 -13.60 -4.94 -0.34
N THR B 103 -12.56 -4.74 -1.15
CA THR B 103 -11.90 -5.86 -1.80
C THR B 103 -11.10 -6.64 -0.77
N LEU B 104 -10.76 -5.96 0.33
CA LEU B 104 -10.01 -6.57 1.43
C LEU B 104 -10.89 -7.26 2.47
N ASP B 105 -12.11 -7.59 2.08
CA ASP B 105 -12.97 -8.38 2.95
C ASP B 105 -13.42 -9.62 2.21
N SER B 106 -12.77 -9.87 1.08
CA SER B 106 -13.03 -11.07 0.31
C SER B 106 -12.58 -12.30 1.11
N ARG B 107 -13.23 -13.43 0.84
CA ARG B 107 -12.97 -14.67 1.56
C ARG B 107 -13.05 -15.83 0.55
N TYR B 108 -12.53 -16.99 0.92
CA TYR B 108 -12.55 -18.13 -0.02
C TYR B 108 -13.50 -19.23 0.42
N PRO B 109 -13.97 -20.04 -0.54
CA PRO B 109 -14.93 -21.09 -0.22
C PRO B 109 -14.37 -22.10 0.76
N GLU B 110 -15.28 -22.83 1.39
CA GLU B 110 -14.92 -23.83 2.37
C GLU B 110 -15.89 -24.99 2.31
N TYR B 111 -15.48 -26.16 2.80
CA TYR B 111 -16.44 -27.23 2.93
C TYR B 111 -16.17 -28.07 4.19
N ARG B 112 -17.21 -28.72 4.67
CA ARG B 112 -17.11 -29.72 5.72
C ARG B 112 -18.01 -30.89 5.34
N ARG B 113 -17.54 -32.10 5.61
CA ARG B 113 -18.35 -33.30 5.43
C ARG B 113 -19.36 -33.43 6.56
N LEU B 114 -20.63 -33.61 6.21
CA LEU B 114 -21.66 -33.83 7.22
C LEU B 114 -21.80 -35.33 7.55
N ASN B 115 -22.16 -36.14 6.57
CA ASN B 115 -22.06 -37.58 6.74
C ASN B 115 -21.36 -38.09 5.52
N GLU B 116 -21.37 -39.39 5.27
CA GLU B 116 -20.62 -39.88 4.14
C GLU B 116 -21.29 -39.52 2.81
N ASP B 117 -22.51 -39.00 2.87
CA ASP B 117 -23.20 -38.65 1.64
C ASP B 117 -23.17 -37.15 1.31
N ILE B 118 -23.14 -36.32 2.34
CA ILE B 118 -23.37 -34.89 2.18
C ILE B 118 -22.18 -33.98 2.54
N LEU B 119 -21.87 -33.06 1.62
CA LEU B 119 -20.90 -32.00 1.83
C LEU B 119 -21.59 -30.67 2.04
N LEU B 120 -21.15 -29.93 3.06
CA LEU B 120 -21.61 -28.56 3.25
C LEU B 120 -20.56 -27.62 2.69
N ILE B 121 -20.93 -26.81 1.70
CA ILE B 121 -20.01 -25.84 1.12
C ILE B 121 -20.39 -24.40 1.47
N THR B 122 -19.46 -23.68 2.10
CA THR B 122 -19.62 -22.26 2.37
C THR B 122 -19.14 -21.43 1.18
N ILE B 123 -20.03 -20.64 0.59
CA ILE B 123 -19.70 -19.79 -0.55
C ILE B 123 -19.82 -18.30 -0.17
N PRO B 124 -18.68 -17.66 0.13
CA PRO B 124 -18.67 -16.29 0.67
C PRO B 124 -18.43 -15.17 -0.35
N SER B 125 -18.58 -13.92 0.09
CA SER B 125 -18.33 -12.77 -0.79
C SER B 125 -16.88 -12.73 -1.26
N ILE B 126 -16.67 -12.38 -2.52
CA ILE B 126 -15.35 -12.05 -3.03
C ILE B 126 -15.50 -10.87 -4.01
N SER B 127 -14.76 -9.81 -3.74
CA SER B 127 -14.95 -8.55 -4.44
C SER B 127 -13.72 -8.21 -5.25
N LYS B 128 -12.80 -9.18 -5.33
CA LYS B 128 -11.51 -8.97 -5.98
C LYS B 128 -11.62 -9.15 -7.48
N LEU B 129 -10.76 -8.43 -8.22
CA LEU B 129 -10.77 -8.47 -9.67
C LEU B 129 -9.64 -9.30 -10.26
N ASP B 130 -8.52 -9.38 -9.54
CA ASP B 130 -7.29 -10.01 -10.06
C ASP B 130 -7.39 -11.51 -10.29
N LYS B 131 -6.85 -11.95 -11.42
CA LYS B 131 -6.91 -13.35 -11.87
C LYS B 131 -6.33 -14.36 -10.85
N ARG B 132 -5.39 -13.91 -10.03
CA ARG B 132 -4.82 -14.79 -9.01
C ARG B 132 -5.89 -15.15 -7.96
N SER B 133 -6.38 -14.13 -7.26
CA SER B 133 -7.42 -14.30 -6.26
C SER B 133 -8.64 -15.02 -6.82
N ILE B 134 -9.04 -14.68 -8.04
CA ILE B 134 -10.25 -15.23 -8.65
C ILE B 134 -10.13 -16.73 -8.91
N SER B 135 -8.95 -17.17 -9.34
CA SER B 135 -8.73 -18.58 -9.68
C SER B 135 -8.59 -19.46 -8.43
N HIS B 136 -7.96 -18.90 -7.40
CA HIS B 136 -7.92 -19.52 -6.09
C HIS B 136 -9.34 -19.83 -5.61
N TYR B 137 -10.21 -18.82 -5.71
CA TYR B 137 -11.59 -18.96 -5.29
C TYR B 137 -12.28 -20.07 -6.08
N SER B 138 -12.38 -19.87 -7.39
CA SER B 138 -13.07 -20.84 -8.24
C SER B 138 -12.36 -22.20 -8.23
N GLY B 139 -11.03 -22.19 -8.25
CA GLY B 139 -10.26 -23.41 -8.17
C GLY B 139 -10.62 -24.27 -6.96
N LYS B 140 -10.84 -23.62 -5.83
CA LYS B 140 -11.16 -24.37 -4.62
C LYS B 140 -12.52 -25.02 -4.74
N LEU B 141 -13.46 -24.31 -5.34
CA LEU B 141 -14.79 -24.88 -5.55
C LEU B 141 -14.72 -26.08 -6.48
N GLN B 142 -14.00 -25.92 -7.59
CA GLN B 142 -13.87 -26.97 -8.59
C GLN B 142 -13.25 -28.21 -7.97
N ASN B 143 -12.16 -28.01 -7.25
CA ASN B 143 -11.50 -29.11 -6.56
C ASN B 143 -12.46 -29.85 -5.61
N ILE B 144 -13.33 -29.12 -4.92
CA ILE B 144 -14.30 -29.78 -4.03
C ILE B 144 -15.31 -30.59 -4.81
N LEU B 145 -15.81 -30.01 -5.90
CA LEU B 145 -16.89 -30.65 -6.63
C LEU B 145 -16.37 -31.77 -7.51
N MET B 146 -15.12 -31.66 -7.93
CA MET B 146 -14.60 -32.58 -8.92
C MET B 146 -13.98 -33.85 -8.32
N GLU B 147 -13.38 -33.76 -7.14
CA GLU B 147 -12.73 -34.93 -6.58
C GLU B 147 -13.04 -35.23 -5.12
N LYS B 148 -14.17 -34.74 -4.62
CA LYS B 148 -14.64 -35.22 -3.32
C LYS B 148 -15.80 -36.18 -3.51
N SER B 149 -16.04 -37.02 -2.52
CA SER B 149 -17.06 -38.03 -2.62
C SER B 149 -18.35 -37.56 -1.97
N TYR B 150 -19.43 -37.49 -2.76
CA TYR B 150 -20.72 -37.03 -2.22
C TYR B 150 -21.89 -37.58 -3.04
N LYS B 151 -23.06 -37.65 -2.42
CA LYS B 151 -24.28 -37.95 -3.15
C LYS B 151 -25.25 -36.77 -3.07
N GLY B 152 -24.84 -35.71 -2.37
CA GLY B 152 -25.70 -34.55 -2.19
C GLY B 152 -24.93 -33.38 -1.62
N LEU B 153 -25.43 -32.17 -1.87
CA LEU B 153 -24.70 -30.94 -1.53
C LEU B 153 -25.55 -29.93 -0.80
N ILE B 154 -24.94 -29.21 0.13
CA ILE B 154 -25.53 -27.97 0.62
C ILE B 154 -24.64 -26.80 0.22
N LEU B 155 -25.22 -25.86 -0.52
CA LEU B 155 -24.53 -24.63 -0.91
C LEU B 155 -24.99 -23.48 -0.04
N ASP B 156 -24.12 -22.99 0.83
CA ASP B 156 -24.54 -21.98 1.81
C ASP B 156 -24.17 -20.57 1.35
N LEU B 157 -25.20 -19.79 1.01
CA LEU B 157 -25.03 -18.42 0.52
C LEU B 157 -25.38 -17.42 1.61
N SER B 158 -25.50 -17.88 2.85
CA SER B 158 -25.74 -16.98 3.98
C SER B 158 -24.63 -15.93 4.06
N ASN B 159 -25.02 -14.69 4.32
CA ASN B 159 -24.08 -13.60 4.56
C ASN B 159 -23.19 -13.24 3.38
N ASN B 160 -23.40 -13.86 2.22
CA ASN B 160 -22.64 -13.49 1.01
C ASN B 160 -23.32 -12.29 0.35
N THR B 161 -22.66 -11.13 0.42
CA THR B 161 -23.29 -9.87 0.02
C THR B 161 -22.96 -9.54 -1.43
N GLY B 162 -22.32 -10.49 -2.11
CA GLY B 162 -22.06 -10.34 -3.53
C GLY B 162 -20.60 -10.12 -3.88
N GLY B 163 -20.37 -9.32 -4.92
CA GLY B 163 -19.02 -9.06 -5.39
C GLY B 163 -18.87 -9.41 -6.85
N ASN B 164 -17.83 -10.19 -7.15
CA ASN B 164 -17.52 -10.60 -8.50
C ASN B 164 -18.17 -11.94 -8.89
N MET B 165 -19.10 -11.88 -9.84
CA MET B 165 -19.81 -13.04 -10.38
C MET B 165 -18.90 -14.16 -10.92
N ILE B 166 -17.79 -13.77 -11.53
CA ILE B 166 -16.97 -14.69 -12.29
C ILE B 166 -16.57 -15.93 -11.48
N PRO B 167 -15.89 -15.72 -10.34
CA PRO B 167 -15.43 -16.85 -9.53
C PRO B 167 -16.59 -17.63 -8.90
N MET B 168 -17.65 -16.93 -8.51
CA MET B 168 -18.83 -17.61 -7.96
C MET B 168 -19.46 -18.54 -8.99
N ILE B 169 -19.80 -18.03 -10.17
CA ILE B 169 -20.42 -18.89 -11.18
C ILE B 169 -19.41 -19.92 -11.71
N GLY B 170 -18.18 -19.47 -11.99
CA GLY B 170 -17.17 -20.31 -12.60
C GLY B 170 -16.75 -21.55 -11.82
N GLY B 171 -16.63 -21.40 -10.50
CA GLY B 171 -16.29 -22.52 -9.63
C GLY B 171 -17.42 -23.52 -9.49
N LEU B 172 -18.67 -23.08 -9.66
CA LEU B 172 -19.82 -24.01 -9.61
C LEU B 172 -20.17 -24.53 -11.01
N ALA B 173 -19.24 -24.39 -11.94
CA ALA B 173 -19.49 -24.70 -13.36
C ALA B 173 -19.94 -26.14 -13.53
N SER B 174 -19.30 -27.05 -12.81
CA SER B 174 -19.56 -28.47 -12.92
C SER B 174 -20.97 -28.86 -12.49
N ILE B 175 -21.69 -27.96 -11.83
CA ILE B 175 -23.04 -28.30 -11.41
C ILE B 175 -24.08 -27.33 -11.92
N LEU B 176 -23.70 -26.50 -12.89
CA LEU B 176 -24.63 -25.61 -13.57
C LEU B 176 -24.74 -25.96 -15.04
N PRO B 177 -25.85 -25.55 -15.68
CA PRO B 177 -26.06 -25.93 -17.08
C PRO B 177 -25.18 -25.15 -18.02
N ASN B 178 -24.79 -25.77 -19.14
CA ASN B 178 -24.03 -25.07 -20.18
C ASN B 178 -25.01 -24.34 -21.07
N ASP B 179 -25.75 -23.44 -20.45
CA ASP B 179 -26.96 -22.90 -21.03
C ASP B 179 -27.28 -21.57 -20.34
N THR B 180 -28.55 -21.22 -20.30
CA THR B 180 -29.01 -19.97 -19.73
C THR B 180 -28.99 -19.96 -18.21
N LEU B 181 -28.29 -18.98 -17.65
CA LEU B 181 -28.26 -18.81 -16.21
C LEU B 181 -29.35 -17.83 -15.75
N PHE B 182 -29.32 -16.62 -16.28
CA PHE B 182 -30.42 -15.67 -16.06
C PHE B 182 -30.43 -14.60 -17.13
N HIS B 183 -31.50 -13.81 -17.13
CA HIS B 183 -31.64 -12.69 -18.07
C HIS B 183 -31.63 -11.33 -17.38
N TYR B 184 -31.16 -10.30 -18.07
CA TYR B 184 -31.43 -8.94 -17.63
C TYR B 184 -31.69 -7.97 -18.79
N THR B 185 -32.62 -7.05 -18.56
CA THR B 185 -33.09 -6.09 -19.55
C THR B 185 -32.90 -4.64 -19.08
N ASP B 186 -32.31 -3.77 -19.91
CA ASP B 186 -32.16 -2.36 -19.53
C ASP B 186 -33.44 -1.57 -19.83
N LYS B 187 -33.48 -0.30 -19.44
CA LYS B 187 -34.70 0.49 -19.57
C LYS B 187 -35.10 0.71 -21.02
N TYR B 188 -34.16 0.49 -21.94
CA TYR B 188 -34.47 0.63 -23.36
C TYR B 188 -35.07 -0.65 -23.95
N GLY B 189 -35.11 -1.72 -23.14
CA GLY B 189 -35.62 -3.00 -23.59
C GLY B 189 -34.58 -3.91 -24.23
N ASN B 190 -33.30 -3.52 -24.20
CA ASN B 190 -32.25 -4.43 -24.61
C ASN B 190 -32.12 -5.54 -23.59
N LYS B 191 -32.47 -6.75 -23.99
CA LYS B 191 -32.41 -7.91 -23.11
C LYS B 191 -31.13 -8.69 -23.36
N LYS B 192 -30.36 -8.91 -22.30
CA LYS B 192 -29.18 -9.75 -22.42
C LYS B 192 -29.37 -11.07 -21.66
N THR B 193 -28.80 -12.14 -22.19
CA THR B 193 -28.81 -13.41 -21.49
C THR B 193 -27.41 -13.73 -21.02
N ILE B 194 -27.26 -14.01 -19.73
CA ILE B 194 -26.01 -14.52 -19.20
C ILE B 194 -26.02 -16.06 -19.22
N THR B 195 -24.96 -16.63 -19.80
CA THR B 195 -24.78 -18.08 -19.89
C THR B 195 -23.35 -18.43 -19.54
N MET B 196 -23.06 -19.71 -19.45
CA MET B 196 -21.71 -20.11 -19.09
C MET B 196 -20.67 -19.61 -20.10
N LYS B 197 -21.09 -19.36 -21.33
CA LYS B 197 -20.19 -18.79 -22.35
C LYS B 197 -19.72 -17.40 -21.96
N ASN B 198 -20.60 -16.60 -21.38
CA ASN B 198 -20.23 -15.25 -20.92
C ASN B 198 -19.21 -15.30 -19.78
N ILE B 199 -19.06 -16.46 -19.17
CA ILE B 199 -18.13 -16.62 -18.07
C ILE B 199 -16.75 -17.05 -18.56
N PRO B 200 -15.73 -16.28 -18.21
CA PRO B 200 -14.37 -16.59 -18.66
C PRO B 200 -13.78 -17.83 -17.99
N LEU B 201 -14.35 -19.02 -18.24
CA LEU B 201 -13.80 -20.24 -17.66
C LEU B 201 -12.37 -20.49 -18.11
N GLU B 202 -12.04 -19.96 -19.28
CA GLU B 202 -10.68 -19.97 -19.80
C GLU B 202 -9.70 -19.39 -18.81
N ALA B 203 -9.88 -18.10 -18.51
CA ALA B 203 -8.96 -17.36 -17.64
C ALA B 203 -8.88 -17.91 -16.21
N LEU B 204 -9.76 -18.85 -15.87
CA LEU B 204 -9.75 -19.46 -14.55
C LEU B 204 -9.09 -20.85 -14.58
N LYS B 205 -8.77 -21.31 -15.79
CA LYS B 205 -8.24 -22.66 -15.98
C LYS B 205 -9.26 -23.69 -15.52
N ILE B 206 -10.48 -23.50 -16.01
CA ILE B 206 -11.58 -24.43 -15.79
C ILE B 206 -12.13 -24.92 -17.12
N SER B 207 -11.81 -26.16 -17.49
CA SER B 207 -12.19 -26.71 -18.79
C SER B 207 -13.69 -26.78 -18.94
N ARG B 208 -14.19 -26.32 -20.08
CA ARG B 208 -15.62 -26.29 -20.32
C ARG B 208 -16.18 -27.70 -20.39
N LYS B 209 -15.28 -28.66 -20.58
CA LYS B 209 -15.67 -30.07 -20.55
C LYS B 209 -16.31 -30.45 -19.21
N THR B 210 -16.04 -29.66 -18.16
CA THR B 210 -16.54 -29.97 -16.82
C THR B 210 -17.95 -29.45 -16.55
N ILE B 211 -18.45 -28.61 -17.44
CA ILE B 211 -19.75 -27.98 -17.24
C ILE B 211 -20.87 -29.01 -17.14
N ASN B 212 -21.66 -28.90 -16.09
CA ASN B 212 -22.85 -29.73 -15.94
C ASN B 212 -22.54 -31.22 -15.96
N THR B 213 -21.45 -31.60 -15.30
CA THR B 213 -21.01 -33.01 -15.25
C THR B 213 -21.46 -33.74 -13.99
N LYS B 214 -21.60 -33.02 -12.89
CA LYS B 214 -22.03 -33.64 -11.65
C LYS B 214 -23.53 -33.42 -11.46
N HIS B 215 -24.26 -34.48 -11.13
CA HIS B 215 -25.71 -34.38 -10.98
C HIS B 215 -26.24 -35.00 -9.68
N VAL B 216 -26.45 -34.18 -8.66
CA VAL B 216 -26.96 -34.67 -7.39
C VAL B 216 -27.99 -33.73 -6.78
N PRO B 217 -28.74 -34.20 -5.77
CA PRO B 217 -29.66 -33.25 -5.10
C PRO B 217 -28.87 -32.13 -4.40
N ILE B 218 -29.33 -30.91 -4.59
CA ILE B 218 -28.62 -29.74 -4.10
C ILE B 218 -29.54 -28.85 -3.29
N ALA B 219 -29.20 -28.63 -2.02
CA ALA B 219 -29.98 -27.74 -1.18
C ALA B 219 -29.25 -26.41 -1.07
N ILE B 220 -29.95 -25.32 -1.37
CA ILE B 220 -29.33 -24.00 -1.30
C ILE B 220 -29.83 -23.21 -0.10
N ILE B 221 -28.93 -22.65 0.71
CA ILE B 221 -29.37 -21.91 1.89
C ILE B 221 -29.13 -20.41 1.75
N THR B 222 -30.15 -19.62 2.09
CA THR B 222 -30.06 -18.19 1.98
C THR B 222 -30.48 -17.53 3.29
N ASN B 223 -30.03 -16.30 3.51
CA ASN B 223 -30.52 -15.54 4.65
C ASN B 223 -30.73 -14.09 4.21
N HIS B 224 -31.11 -13.21 5.13
CA HIS B 224 -31.49 -11.85 4.74
C HIS B 224 -30.31 -11.02 4.25
N LYS B 225 -29.09 -11.54 4.36
CA LYS B 225 -27.92 -10.82 3.87
C LYS B 225 -27.43 -11.26 2.49
N THR B 226 -27.76 -12.49 2.10
CA THR B 226 -27.53 -12.94 0.71
C THR B 226 -27.96 -11.85 -0.29
N ALA B 227 -27.02 -11.27 -1.02
CA ALA B 227 -27.31 -10.10 -1.85
C ALA B 227 -26.62 -10.11 -3.20
N SER B 228 -27.26 -9.49 -4.19
CA SER B 228 -26.54 -9.04 -5.39
C SER B 228 -25.97 -10.19 -6.24
N SER B 229 -24.66 -10.21 -6.47
CA SER B 229 -24.05 -11.35 -7.15
C SER B 229 -24.46 -12.68 -6.51
N ALA B 230 -24.62 -12.69 -5.19
CA ALA B 230 -25.06 -13.89 -4.50
C ALA B 230 -26.48 -14.24 -4.89
N GLU B 231 -27.35 -13.24 -5.02
CA GLU B 231 -28.71 -13.53 -5.45
C GLU B 231 -28.71 -14.03 -6.89
N MET B 232 -27.90 -13.43 -7.76
CA MET B 232 -27.86 -13.86 -9.16
C MET B 232 -27.24 -15.24 -9.31
N THR B 233 -26.28 -15.57 -8.43
CA THR B 233 -25.78 -16.94 -8.37
C THR B 233 -26.90 -17.90 -7.99
N PHE B 234 -27.63 -17.57 -6.93
CA PHE B 234 -28.84 -18.32 -6.51
C PHE B 234 -29.81 -18.51 -7.69
N LEU B 235 -30.05 -17.45 -8.46
CA LEU B 235 -31.01 -17.55 -9.56
C LEU B 235 -30.51 -18.50 -10.62
N SER B 236 -29.20 -18.61 -10.76
CA SER B 236 -28.66 -19.50 -11.78
C SER B 236 -29.06 -20.96 -11.52
N PHE B 237 -29.57 -21.24 -10.32
CA PHE B 237 -29.94 -22.60 -9.94
C PHE B 237 -31.44 -22.78 -9.93
N LYS B 238 -32.17 -21.68 -9.97
CA LYS B 238 -33.61 -21.75 -9.72
C LYS B 238 -34.31 -22.50 -10.83
N GLY B 239 -35.30 -23.29 -10.45
CA GLY B 239 -36.08 -24.05 -11.41
C GLY B 239 -35.45 -25.38 -11.73
N LEU B 240 -34.12 -25.48 -11.61
CA LEU B 240 -33.44 -26.75 -11.85
C LEU B 240 -34.09 -27.84 -11.01
N PRO B 241 -34.23 -29.05 -11.57
CA PRO B 241 -35.08 -30.08 -10.94
C PRO B 241 -34.50 -30.67 -9.66
N ASN B 242 -33.18 -30.82 -9.61
CA ASN B 242 -32.53 -31.39 -8.44
C ASN B 242 -32.32 -30.38 -7.29
N VAL B 243 -32.87 -29.18 -7.44
CA VAL B 243 -32.53 -28.09 -6.53
C VAL B 243 -33.69 -27.65 -5.62
N LYS B 244 -33.36 -27.38 -4.36
CA LYS B 244 -34.35 -26.85 -3.41
C LYS B 244 -33.65 -25.86 -2.48
N SER B 245 -34.30 -24.76 -2.15
CA SER B 245 -33.71 -23.73 -1.30
C SER B 245 -34.40 -23.62 0.05
N PHE B 246 -33.62 -23.30 1.08
CA PHE B 246 -34.12 -23.23 2.45
C PHE B 246 -33.52 -22.01 3.10
N GLY B 247 -34.24 -21.47 4.07
CA GLY B 247 -33.73 -20.38 4.90
C GLY B 247 -34.66 -19.20 5.00
N GLN B 248 -34.13 -18.02 4.68
CA GLN B 248 -34.94 -16.81 4.63
C GLN B 248 -34.78 -16.10 3.29
N ALA B 249 -35.71 -15.20 3.01
CA ALA B 249 -35.69 -14.39 1.79
C ALA B 249 -34.42 -13.55 1.70
N THR B 250 -33.86 -13.48 0.50
CA THR B 250 -32.60 -12.79 0.26
C THR B 250 -32.74 -11.27 0.44
N ALA B 251 -31.66 -10.53 0.24
CA ALA B 251 -31.66 -9.13 0.66
C ALA B 251 -32.45 -8.25 -0.30
N GLY B 252 -32.78 -8.77 -1.48
CA GLY B 252 -33.53 -8.02 -2.47
C GLY B 252 -32.73 -7.02 -3.30
N TYR B 253 -31.50 -7.38 -3.67
CA TYR B 253 -30.74 -6.51 -4.57
C TYR B 253 -30.59 -7.18 -5.92
N THR B 254 -31.72 -7.70 -6.40
CA THR B 254 -31.77 -8.46 -7.64
C THR B 254 -31.81 -7.57 -8.90
N THR B 255 -30.81 -6.72 -9.06
CA THR B 255 -30.67 -5.93 -10.27
C THR B 255 -29.23 -5.97 -10.71
N VAL B 256 -29.00 -5.80 -12.00
CA VAL B 256 -27.66 -5.78 -12.59
C VAL B 256 -27.10 -4.36 -12.58
N ASN B 257 -25.86 -4.18 -12.15
CA ASN B 257 -25.22 -2.88 -12.19
C ASN B 257 -24.13 -2.81 -13.25
N GLU B 258 -23.82 -1.61 -13.72
CA GLU B 258 -22.62 -1.41 -14.52
C GLU B 258 -21.73 -0.50 -13.70
N THR B 259 -20.42 -0.68 -13.82
CA THR B 259 -19.52 0.05 -12.96
C THR B 259 -18.62 0.96 -13.79
N PHE B 260 -18.53 2.23 -13.38
CA PHE B 260 -17.76 3.21 -14.11
C PHE B 260 -16.60 3.78 -13.28
N MET B 261 -15.38 3.56 -13.75
CA MET B 261 -14.22 4.13 -13.07
C MET B 261 -14.16 5.62 -13.35
N LEU B 262 -14.19 6.41 -12.29
CA LEU B 262 -14.12 7.86 -12.40
C LEU B 262 -12.68 8.33 -12.30
N TYR B 263 -12.43 9.60 -12.64
CA TYR B 263 -11.08 10.14 -12.84
C TYR B 263 -10.11 9.90 -11.68
N ASP B 264 -10.60 9.95 -10.45
CA ASP B 264 -9.75 9.80 -9.27
C ASP B 264 -9.74 8.39 -8.69
N GLY B 265 -10.38 7.44 -9.37
CA GLY B 265 -10.39 6.06 -8.90
C GLY B 265 -11.65 5.66 -8.18
N ALA B 266 -12.49 6.63 -7.86
CA ALA B 266 -13.82 6.36 -7.37
C ALA B 266 -14.59 5.52 -8.40
N ARG B 267 -15.62 4.83 -7.96
CA ARG B 267 -16.38 3.97 -8.85
C ARG B 267 -17.85 4.29 -8.70
N LEU B 268 -18.51 4.54 -9.82
CA LEU B 268 -19.96 4.66 -9.82
C LEU B 268 -20.56 3.30 -10.11
N ALA B 269 -21.33 2.78 -9.16
CA ALA B 269 -22.02 1.50 -9.36
C ALA B 269 -23.46 1.81 -9.70
N LEU B 270 -23.82 1.61 -10.97
CA LEU B 270 -25.08 2.10 -11.51
C LEU B 270 -26.00 0.96 -11.96
N THR B 271 -27.17 0.90 -11.36
CA THR B 271 -28.13 -0.12 -11.74
C THR B 271 -28.66 0.15 -13.16
N THR B 272 -28.46 -0.81 -14.05
CA THR B 272 -28.93 -0.66 -15.43
C THR B 272 -29.84 -1.78 -15.89
N GLY B 273 -29.97 -2.86 -15.12
CA GLY B 273 -30.69 -4.03 -15.61
C GLY B 273 -31.66 -4.69 -14.65
N ILE B 274 -32.88 -4.93 -15.12
CA ILE B 274 -33.83 -5.70 -14.33
C ILE B 274 -33.67 -7.18 -14.66
N VAL B 275 -33.82 -8.05 -13.66
CA VAL B 275 -33.44 -9.45 -13.83
C VAL B 275 -34.61 -10.39 -14.04
N SER B 276 -34.40 -11.38 -14.90
CA SER B 276 -35.36 -12.45 -15.12
C SER B 276 -34.69 -13.79 -14.90
N ASP B 277 -35.37 -14.75 -14.26
CA ASP B 277 -34.80 -16.11 -14.18
C ASP B 277 -35.19 -16.97 -15.38
N ARG B 278 -34.58 -18.16 -15.47
CA ARG B 278 -34.90 -19.19 -16.48
C ARG B 278 -36.40 -19.32 -16.79
N GLN B 279 -37.21 -19.20 -15.75
CA GLN B 279 -38.66 -19.42 -15.84
C GLN B 279 -39.45 -18.15 -16.19
N GLY B 280 -38.77 -17.04 -16.42
CA GLY B 280 -39.46 -15.81 -16.75
C GLY B 280 -39.97 -14.97 -15.58
N TYR B 281 -39.63 -15.37 -14.36
CA TYR B 281 -39.86 -14.52 -13.17
C TYR B 281 -39.02 -13.23 -13.22
N LYS B 282 -39.68 -12.09 -12.96
CA LYS B 282 -39.01 -10.79 -12.95
C LYS B 282 -38.55 -10.43 -11.55
N TYR B 283 -37.34 -9.90 -11.41
CA TYR B 283 -36.85 -9.43 -10.12
C TYR B 283 -36.35 -8.01 -10.29
N GLU B 284 -36.87 -7.10 -9.49
CA GLU B 284 -36.44 -5.72 -9.55
C GLU B 284 -36.17 -5.22 -8.14
N ASN B 285 -34.97 -5.51 -7.64
CA ASN B 285 -34.61 -5.29 -6.24
C ASN B 285 -35.69 -5.84 -5.32
N THR B 286 -36.07 -7.08 -5.60
CA THR B 286 -37.07 -7.80 -4.82
C THR B 286 -36.45 -9.04 -4.19
N PRO B 287 -36.76 -9.32 -2.91
CA PRO B 287 -36.16 -10.50 -2.28
C PRO B 287 -36.56 -11.79 -2.97
N ILE B 288 -35.69 -12.78 -2.97
CA ILE B 288 -36.01 -14.08 -3.54
C ILE B 288 -36.40 -14.99 -2.38
N LEU B 289 -37.60 -15.57 -2.43
CA LEU B 289 -38.03 -16.48 -1.37
C LEU B 289 -37.44 -17.87 -1.57
N PRO B 290 -36.97 -18.47 -0.48
CA PRO B 290 -36.56 -19.88 -0.55
C PRO B 290 -37.80 -20.75 -0.70
N ASP B 291 -37.67 -21.92 -1.34
CA ASP B 291 -38.79 -22.85 -1.47
C ASP B 291 -39.35 -23.16 -0.09
N GLN B 292 -38.46 -23.25 0.90
CA GLN B 292 -38.87 -23.56 2.26
C GLN B 292 -38.29 -22.53 3.25
N VAL B 293 -39.13 -21.60 3.68
CA VAL B 293 -38.75 -20.67 4.73
C VAL B 293 -38.63 -21.41 6.06
N THR B 294 -37.42 -21.49 6.61
CA THR B 294 -37.24 -22.07 7.93
C THR B 294 -36.08 -21.47 8.68
N SER B 295 -36.22 -21.36 9.99
CA SER B 295 -35.13 -20.89 10.84
C SER B 295 -34.03 -21.95 11.04
N LEU B 296 -34.32 -23.20 10.71
CA LEU B 296 -33.33 -24.26 10.83
C LEU B 296 -33.01 -24.88 9.47
N PRO B 297 -32.45 -24.08 8.55
CA PRO B 297 -32.16 -24.55 7.19
C PRO B 297 -31.13 -25.66 7.09
N LEU B 298 -30.15 -25.72 7.98
CA LEU B 298 -29.14 -26.78 7.91
C LEU B 298 -29.80 -28.10 8.27
N GLN B 299 -30.62 -28.07 9.30
CA GLN B 299 -31.41 -29.25 9.69
C GLN B 299 -32.30 -29.74 8.55
N GLU B 300 -33.16 -28.87 8.03
CA GLU B 300 -34.11 -29.26 6.98
C GLU B 300 -33.43 -29.62 5.67
N SER B 301 -32.29 -28.99 5.39
CA SER B 301 -31.50 -29.33 4.21
C SER B 301 -31.07 -30.79 4.22
N GLN B 302 -30.60 -31.23 5.38
CA GLN B 302 -30.14 -32.61 5.48
C GLN B 302 -31.32 -33.57 5.35
N SER B 303 -32.45 -33.28 6.02
CA SER B 303 -33.53 -34.23 5.97
C SER B 303 -34.10 -34.26 4.55
N TRP B 304 -34.24 -33.08 3.93
CA TRP B 304 -34.69 -33.07 2.54
C TRP B 304 -33.72 -33.81 1.63
N LEU B 305 -32.43 -33.59 1.82
CA LEU B 305 -31.44 -34.27 0.98
C LEU B 305 -31.50 -35.77 1.21
N LYS B 306 -31.75 -36.17 2.44
CA LYS B 306 -31.72 -37.59 2.78
C LYS B 306 -32.83 -38.34 2.05
N SER B 307 -33.98 -37.69 1.96
CA SER B 307 -35.13 -38.26 1.26
C SER B 307 -34.84 -38.41 -0.24
N ARG B 308 -34.44 -37.31 -0.88
CA ARG B 308 -34.18 -37.36 -2.32
C ARG B 308 -33.03 -38.33 -2.59
N ILE B 309 -32.38 -38.79 -1.52
CA ILE B 309 -31.37 -39.84 -1.59
C ILE B 309 -31.98 -41.15 -1.08
N LEU C 23 -20.57 -4.26 1.62
CA LEU C 23 -21.46 -3.66 0.63
C LEU C 23 -22.17 -4.71 -0.22
N ASN C 24 -23.35 -4.36 -0.73
CA ASN C 24 -24.08 -5.23 -1.63
C ASN C 24 -23.63 -4.98 -3.05
N ILE C 25 -22.64 -5.77 -3.51
CA ILE C 25 -21.92 -5.45 -4.73
C ILE C 25 -22.23 -6.40 -5.88
N TYR C 26 -22.29 -5.86 -7.10
CA TYR C 26 -22.42 -6.64 -8.33
C TYR C 26 -21.32 -6.24 -9.27
N LEU C 27 -20.59 -7.23 -9.76
CA LEU C 27 -19.49 -7.02 -10.66
C LEU C 27 -19.44 -8.18 -11.61
N LEU C 28 -19.30 -7.85 -12.89
CA LEU C 28 -19.03 -8.84 -13.90
C LEU C 28 -18.10 -8.13 -14.85
N PRO C 29 -16.81 -8.11 -14.49
CA PRO C 29 -15.75 -7.43 -15.24
C PRO C 29 -15.78 -7.86 -16.69
N PRO C 30 -15.23 -7.04 -17.59
CA PRO C 30 -15.20 -7.35 -19.03
C PRO C 30 -14.13 -8.38 -19.38
N SER C 31 -14.38 -9.18 -20.41
CA SER C 31 -13.41 -10.16 -20.88
C SER C 31 -12.14 -9.45 -21.31
N SER C 32 -11.03 -10.17 -21.34
CA SER C 32 -9.78 -9.55 -21.74
C SER C 32 -9.88 -9.04 -23.17
N GLU C 33 -10.78 -9.60 -23.96
CA GLU C 33 -11.00 -9.12 -25.32
C GLU C 33 -11.70 -7.76 -25.30
N ARG C 34 -12.80 -7.66 -24.56
CA ARG C 34 -13.57 -6.42 -24.49
C ARG C 34 -12.71 -5.29 -23.96
N TYR C 35 -11.98 -5.57 -22.90
CA TYR C 35 -11.03 -4.63 -22.32
C TYR C 35 -10.15 -4.02 -23.41
N GLY C 36 -9.58 -4.87 -24.25
CA GLY C 36 -8.79 -4.42 -25.37
C GLY C 36 -9.60 -3.62 -26.38
N ARG C 37 -10.81 -4.09 -26.69
CA ARG C 37 -11.66 -3.41 -27.66
C ARG C 37 -12.01 -2.01 -27.16
N VAL C 38 -12.26 -1.90 -25.85
CA VAL C 38 -12.59 -0.61 -25.25
C VAL C 38 -11.52 0.42 -25.56
N ILE C 39 -10.27 -0.01 -25.48
CA ILE C 39 -9.17 0.90 -25.72
C ILE C 39 -9.05 1.28 -27.21
N LEU C 40 -9.32 0.33 -28.08
CA LEU C 40 -9.21 0.58 -29.51
C LEU C 40 -10.28 1.56 -29.96
N ASP C 41 -11.46 1.45 -29.35
CA ASP C 41 -12.55 2.38 -29.63
C ASP C 41 -12.15 3.82 -29.30
N ARG C 42 -11.56 4.03 -28.13
CA ARG C 42 -11.12 5.38 -27.72
C ARG C 42 -10.11 5.92 -28.71
N VAL C 43 -9.12 5.09 -29.04
CA VAL C 43 -8.06 5.49 -29.97
C VAL C 43 -8.61 5.91 -31.34
N GLU C 44 -9.54 5.11 -31.85
CA GLU C 44 -10.28 5.46 -33.06
C GLU C 44 -11.00 6.79 -32.95
N GLN C 45 -11.72 6.95 -31.85
CA GLN C 45 -12.59 8.10 -31.62
C GLN C 45 -11.84 9.42 -31.47
N ARG C 46 -10.81 9.43 -30.63
CA ARG C 46 -10.20 10.69 -30.20
C ARG C 46 -8.70 10.83 -30.54
N GLY C 47 -8.06 9.73 -30.94
CA GLY C 47 -6.66 9.80 -31.32
C GLY C 47 -6.41 10.70 -32.53
N LEU C 48 -5.36 11.50 -32.47
CA LEU C 48 -4.96 12.37 -33.58
C LEU C 48 -4.78 11.68 -34.94
N TYR C 49 -4.25 10.47 -34.92
CA TYR C 49 -3.78 9.81 -36.14
C TYR C 49 -4.46 8.48 -36.45
N SER C 50 -5.68 8.26 -35.95
CA SER C 50 -6.24 6.91 -35.96
C SER C 50 -7.15 6.61 -37.16
N GLN C 51 -6.72 7.05 -38.34
CA GLN C 51 -7.43 6.74 -39.58
C GLN C 51 -6.41 6.52 -40.70
N GLY C 52 -6.88 5.97 -41.81
CA GLY C 52 -5.99 5.59 -42.89
C GLY C 52 -5.89 4.09 -42.97
N ARG C 53 -5.66 3.58 -44.18
CA ARG C 53 -5.65 2.14 -44.43
C ARG C 53 -4.67 1.44 -43.50
N GLN C 54 -3.62 2.18 -43.11
CA GLN C 54 -2.62 1.68 -42.18
C GLN C 54 -3.26 1.40 -40.82
N TRP C 55 -4.00 2.38 -40.31
CA TRP C 55 -4.68 2.23 -39.03
C TRP C 55 -5.64 1.04 -39.05
N GLN C 56 -6.56 1.03 -40.01
CA GLN C 56 -7.50 -0.08 -40.15
C GLN C 56 -6.80 -1.44 -40.19
N ILE C 57 -5.63 -1.50 -40.84
CA ILE C 57 -4.88 -2.76 -40.91
C ILE C 57 -4.28 -3.07 -39.56
N ILE C 58 -3.70 -2.05 -38.92
CA ILE C 58 -3.19 -2.19 -37.56
C ILE C 58 -4.27 -2.60 -36.56
N ARG C 59 -5.44 -1.99 -36.67
CA ARG C 59 -6.53 -2.29 -35.75
C ARG C 59 -7.00 -3.74 -35.89
N GLN C 60 -7.29 -4.13 -37.13
CA GLN C 60 -7.78 -5.47 -37.42
C GLN C 60 -6.82 -6.53 -36.89
N ARG C 61 -5.52 -6.31 -37.08
CA ARG C 61 -4.50 -7.20 -36.52
C ARG C 61 -4.65 -7.26 -35.01
N SER C 62 -4.97 -6.11 -34.41
CA SER C 62 -5.06 -6.01 -32.96
C SER C 62 -6.27 -6.79 -32.43
N GLU C 63 -7.43 -6.52 -33.04
CA GLU C 63 -8.68 -7.18 -32.66
C GLU C 63 -8.59 -8.69 -32.79
N LYS C 64 -7.87 -9.14 -33.83
CA LYS C 64 -7.71 -10.56 -34.10
C LYS C 64 -6.96 -11.25 -32.96
N LYS C 65 -5.83 -10.67 -32.56
CA LYS C 65 -5.06 -11.21 -31.44
C LYS C 65 -5.87 -11.19 -30.13
N LEU C 66 -6.65 -10.13 -29.92
CA LEU C 66 -7.45 -9.96 -28.70
C LEU C 66 -8.44 -11.09 -28.47
N LYS C 67 -8.76 -11.84 -29.52
CA LYS C 67 -9.72 -12.94 -29.43
C LYS C 67 -9.17 -14.04 -28.53
N THR C 68 -7.85 -14.18 -28.54
CA THR C 68 -7.20 -15.21 -27.75
C THR C 68 -6.36 -14.60 -26.63
N SER C 69 -6.88 -13.55 -26.01
CA SER C 69 -6.20 -12.85 -24.93
C SER C 69 -6.66 -13.37 -23.58
N LYS C 70 -5.70 -13.62 -22.70
CA LYS C 70 -5.97 -14.30 -21.44
C LYS C 70 -6.04 -13.36 -20.25
N SER C 71 -5.65 -12.11 -20.45
CA SER C 71 -5.59 -11.17 -19.33
C SER C 71 -5.58 -9.72 -19.79
N TYR C 72 -5.94 -8.84 -18.87
CA TYR C 72 -5.90 -7.40 -19.10
C TYR C 72 -4.49 -6.94 -19.48
N GLN C 73 -3.48 -7.50 -18.81
CA GLN C 73 -2.09 -7.17 -19.09
C GLN C 73 -1.71 -7.54 -20.53
N GLU C 74 -2.16 -8.71 -20.98
CA GLU C 74 -1.86 -9.14 -22.34
C GLU C 74 -2.57 -8.25 -23.36
N SER C 75 -3.81 -7.89 -23.07
CA SER C 75 -4.56 -7.01 -23.96
C SER C 75 -3.87 -5.66 -24.13
N ARG C 76 -3.23 -5.18 -23.08
CA ARG C 76 -2.53 -3.92 -23.18
C ARG C 76 -1.35 -4.06 -24.13
N ASN C 77 -0.65 -5.19 -24.03
CA ASN C 77 0.46 -5.47 -24.93
C ASN C 77 -0.01 -5.60 -26.38
N ILE C 78 -1.14 -6.27 -26.58
CA ILE C 78 -1.70 -6.46 -27.90
C ILE C 78 -2.10 -5.14 -28.58
N VAL C 79 -2.64 -4.21 -27.80
CA VAL C 79 -3.14 -2.95 -28.35
C VAL C 79 -2.10 -1.85 -28.37
N GLN C 80 -0.94 -2.14 -27.79
CA GLN C 80 0.15 -1.16 -27.71
C GLN C 80 0.52 -0.55 -29.06
N GLU C 81 0.52 -1.35 -30.12
CA GLU C 81 0.94 -0.86 -31.43
C GLU C 81 -0.10 0.13 -31.99
N ALA C 82 -1.37 -0.21 -31.81
CA ALA C 82 -2.46 0.66 -32.25
C ALA C 82 -2.43 1.99 -31.48
N VAL C 83 -2.21 1.92 -30.18
CA VAL C 83 -2.12 3.13 -29.36
C VAL C 83 -1.02 4.04 -29.89
N ARG C 84 0.12 3.44 -30.24
CA ARG C 84 1.30 4.19 -30.65
C ARG C 84 1.11 4.85 -32.00
N TYR C 85 0.43 4.15 -32.90
CA TYR C 85 0.13 4.66 -34.23
C TYR C 85 -1.00 5.70 -34.22
N GLY C 86 -2.13 5.32 -33.64
CA GLY C 86 -3.31 6.17 -33.61
C GLY C 86 -3.18 7.35 -32.68
N GLY C 87 -2.28 7.25 -31.71
CA GLY C 87 -2.12 8.28 -30.71
C GLY C 87 -0.83 9.07 -30.88
N GLY C 88 0.24 8.39 -31.26
CA GLY C 88 1.52 9.05 -31.37
C GLY C 88 2.41 8.81 -30.16
N LYS C 89 3.57 9.44 -30.18
CA LYS C 89 4.61 9.16 -29.20
C LYS C 89 4.25 9.65 -27.79
N HIS C 90 3.29 10.57 -27.71
CA HIS C 90 2.88 11.13 -26.44
C HIS C 90 1.85 10.23 -25.75
N SER C 91 1.35 9.24 -26.48
CA SER C 91 0.28 8.38 -25.95
C SER C 91 0.83 7.08 -25.40
N GLN C 92 0.11 6.47 -24.47
CA GLN C 92 0.53 5.20 -23.85
C GLN C 92 -0.53 4.66 -22.89
N ILE C 93 -0.45 3.38 -22.60
CA ILE C 93 -1.26 2.81 -21.53
C ILE C 93 -0.37 2.56 -20.31
N LEU C 94 -0.74 3.12 -19.17
CA LEU C 94 -0.03 2.87 -17.92
C LEU C 94 -0.85 2.00 -16.98
N SER C 95 -0.25 0.90 -16.51
CA SER C 95 -0.93 0.01 -15.57
C SER C 95 -1.19 0.72 -14.24
N LYS C 96 -2.15 0.22 -13.46
CA LYS C 96 -2.39 0.75 -12.11
C LYS C 96 -1.07 0.86 -11.34
N GLU C 97 -0.23 -0.17 -11.45
CA GLU C 97 1.06 -0.20 -10.78
C GLU C 97 1.98 0.93 -11.28
N THR C 98 2.12 1.05 -12.60
CA THR C 98 2.96 2.10 -13.18
C THR C 98 2.50 3.50 -12.77
N VAL C 99 1.20 3.68 -12.58
CA VAL C 99 0.66 4.98 -12.22
C VAL C 99 1.00 5.30 -10.77
N ARG C 100 0.88 4.31 -9.90
CA ARG C 100 1.17 4.48 -8.48
C ARG C 100 2.63 4.86 -8.26
N ARG C 101 3.51 4.40 -9.15
CA ARG C 101 4.92 4.71 -9.04
C ARG C 101 5.23 6.13 -9.52
N ASP C 102 4.76 6.47 -10.72
CA ASP C 102 5.02 7.80 -11.27
C ASP C 102 4.50 8.87 -10.34
N THR C 103 3.37 8.58 -9.67
CA THR C 103 2.78 9.53 -8.74
C THR C 103 3.72 9.79 -7.56
N LEU C 104 4.63 8.86 -7.30
CA LEU C 104 5.51 8.93 -6.12
C LEU C 104 6.90 9.51 -6.42
N ASP C 105 7.17 9.83 -7.67
CA ASP C 105 8.38 10.57 -8.04
C ASP C 105 8.12 12.06 -7.93
N SER C 106 6.93 12.43 -7.46
CA SER C 106 6.55 13.83 -7.37
C SER C 106 7.47 14.60 -6.44
N ARG C 107 7.93 15.75 -6.93
CA ARG C 107 8.76 16.63 -6.14
C ARG C 107 8.02 17.94 -5.90
N TYR C 108 8.61 18.81 -5.08
CA TYR C 108 8.05 20.14 -4.88
C TYR C 108 9.04 21.23 -5.27
N PRO C 109 8.54 22.45 -5.52
CA PRO C 109 9.34 23.59 -5.97
C PRO C 109 10.37 24.00 -4.93
N GLU C 110 11.36 24.76 -5.36
CA GLU C 110 12.49 25.04 -4.50
C GLU C 110 13.33 26.19 -5.04
N TYR C 111 13.98 26.95 -4.15
CA TYR C 111 14.69 28.13 -4.60
C TYR C 111 16.03 28.37 -3.89
N ARG C 112 16.90 29.09 -4.57
CA ARG C 112 18.18 29.56 -4.02
C ARG C 112 18.35 31.01 -4.41
N ARG C 113 18.80 31.85 -3.48
CA ARG C 113 19.09 33.23 -3.85
C ARG C 113 20.47 33.30 -4.50
N LEU C 114 20.55 33.94 -5.66
CA LEU C 114 21.82 34.17 -6.34
C LEU C 114 22.44 35.50 -5.88
N ASN C 115 21.59 36.50 -5.67
CA ASN C 115 21.99 37.76 -5.05
C ASN C 115 20.75 38.53 -4.58
N GLU C 116 20.92 39.80 -4.19
CA GLU C 116 19.82 40.57 -3.64
C GLU C 116 18.73 40.77 -4.68
N ASP C 117 19.10 40.62 -5.95
CA ASP C 117 18.20 40.85 -7.07
C ASP C 117 17.55 39.54 -7.58
N ILE C 118 18.37 38.53 -7.87
CA ILE C 118 17.94 37.35 -8.64
C ILE C 118 17.70 36.05 -7.83
N LEU C 119 16.49 35.49 -7.96
CA LEU C 119 16.13 34.18 -7.38
C LEU C 119 16.13 33.05 -8.43
N LEU C 120 16.65 31.90 -8.03
CA LEU C 120 16.60 30.68 -8.84
C LEU C 120 15.51 29.76 -8.32
N ILE C 121 14.45 29.58 -9.09
CA ILE C 121 13.38 28.68 -8.67
C ILE C 121 13.39 27.42 -9.52
N THR C 122 13.44 26.28 -8.85
CA THR C 122 13.38 24.99 -9.53
C THR C 122 11.94 24.50 -9.49
N ILE C 123 11.43 24.15 -10.66
CA ILE C 123 10.03 23.76 -10.80
C ILE C 123 9.98 22.35 -11.35
N PRO C 124 9.78 21.37 -10.46
CA PRO C 124 9.92 19.94 -10.78
C PRO C 124 8.62 19.27 -11.21
N SER C 125 8.71 18.03 -11.71
CA SER C 125 7.53 17.27 -12.08
C SER C 125 6.67 16.95 -10.87
N ILE C 126 5.37 16.93 -11.07
CA ILE C 126 4.46 16.40 -10.06
C ILE C 126 3.25 15.81 -10.75
N SER C 127 2.97 14.54 -10.51
CA SER C 127 1.83 13.89 -11.16
C SER C 127 0.71 13.53 -10.19
N LYS C 128 0.86 13.91 -8.92
CA LYS C 128 -0.18 13.66 -7.92
C LYS C 128 -1.46 14.38 -8.31
N LEU C 129 -2.61 13.86 -7.88
CA LEU C 129 -3.90 14.44 -8.19
C LEU C 129 -4.59 14.99 -6.94
N ASP C 130 -4.27 14.40 -5.79
CA ASP C 130 -4.96 14.76 -4.54
C ASP C 130 -4.85 16.24 -4.19
N LYS C 131 -5.98 16.82 -3.81
CA LYS C 131 -6.10 18.24 -3.48
C LYS C 131 -5.01 18.69 -2.50
N ARG C 132 -4.65 17.80 -1.58
CA ARG C 132 -3.65 18.09 -0.57
C ARG C 132 -2.29 18.41 -1.18
N SER C 133 -1.69 17.41 -1.83
CA SER C 133 -0.36 17.56 -2.44
C SER C 133 -0.28 18.72 -3.43
N ILE C 134 -1.32 18.87 -4.25
CA ILE C 134 -1.44 19.96 -5.20
C ILE C 134 -1.21 21.31 -4.54
N SER C 135 -1.96 21.55 -3.47
CA SER C 135 -1.93 22.82 -2.76
C SER C 135 -0.55 23.12 -2.18
N HIS C 136 0.09 22.08 -1.66
CA HIS C 136 1.45 22.19 -1.15
C HIS C 136 2.40 22.65 -2.26
N TYR C 137 2.36 21.97 -3.40
CA TYR C 137 3.17 22.35 -4.56
C TYR C 137 2.87 23.77 -5.00
N SER C 138 1.59 24.06 -5.22
CA SER C 138 1.16 25.38 -5.65
C SER C 138 1.43 26.45 -4.59
N GLY C 139 1.23 26.09 -3.33
CA GLY C 139 1.44 27.02 -2.22
C GLY C 139 2.88 27.46 -2.08
N LYS C 140 3.79 26.50 -1.97
CA LYS C 140 5.21 26.79 -1.85
C LYS C 140 5.69 27.67 -3.01
N LEU C 141 4.99 27.59 -4.13
CA LEU C 141 5.27 28.44 -5.28
C LEU C 141 4.66 29.82 -5.07
N GLN C 142 3.35 29.85 -4.84
CA GLN C 142 2.62 31.09 -4.58
C GLN C 142 3.36 31.92 -3.54
N ASN C 143 3.84 31.22 -2.52
CA ASN C 143 4.59 31.82 -1.43
C ASN C 143 5.87 32.53 -1.87
N ILE C 144 6.82 31.77 -2.40
CA ILE C 144 8.08 32.33 -2.89
C ILE C 144 7.89 33.63 -3.69
N LEU C 145 6.85 33.67 -4.51
CA LEU C 145 6.62 34.79 -5.41
C LEU C 145 6.17 36.05 -4.70
N MET C 146 5.57 35.90 -3.53
CA MET C 146 4.99 37.04 -2.83
C MET C 146 5.90 37.63 -1.75
N GLU C 147 6.32 36.80 -0.80
CA GLU C 147 7.03 37.28 0.37
C GLU C 147 8.49 37.59 0.11
N LYS C 148 9.09 36.86 -0.83
CA LYS C 148 10.50 37.07 -1.15
C LYS C 148 10.71 38.38 -1.92
N SER C 149 11.96 38.85 -1.97
CA SER C 149 12.28 40.12 -2.60
C SER C 149 13.26 39.96 -3.76
N TYR C 150 12.93 40.56 -4.90
CA TYR C 150 13.73 40.38 -6.11
C TYR C 150 13.33 41.31 -7.25
N LYS C 151 14.19 41.35 -8.26
CA LYS C 151 13.99 42.17 -9.45
C LYS C 151 14.26 41.35 -10.72
N GLY C 152 14.08 40.04 -10.61
CA GLY C 152 14.34 39.12 -11.72
C GLY C 152 14.36 37.66 -11.28
N LEU C 153 13.72 36.79 -12.06
CA LEU C 153 13.60 35.38 -11.71
C LEU C 153 14.19 34.44 -12.75
N ILE C 154 14.84 33.38 -12.27
CA ILE C 154 15.19 32.26 -13.14
C ILE C 154 14.23 31.11 -12.85
N LEU C 155 13.50 30.65 -13.88
CA LEU C 155 12.63 29.49 -13.74
C LEU C 155 13.25 28.28 -14.38
N ASP C 156 13.66 27.31 -13.55
CA ASP C 156 14.34 26.14 -14.09
C ASP C 156 13.37 24.98 -14.29
N LEU C 157 13.13 24.66 -15.55
CA LEU C 157 12.25 23.56 -15.89
C LEU C 157 13.03 22.36 -16.40
N SER C 158 14.35 22.37 -16.22
CA SER C 158 15.17 21.21 -16.60
C SER C 158 14.63 19.97 -15.92
N ASN C 159 14.71 18.84 -16.60
CA ASN C 159 14.31 17.55 -16.03
C ASN C 159 12.86 17.46 -15.55
N ASN C 160 12.08 18.52 -15.72
CA ASN C 160 10.65 18.41 -15.45
C ASN C 160 9.95 17.75 -16.64
N THR C 161 9.54 16.50 -16.46
CA THR C 161 8.97 15.75 -17.56
C THR C 161 7.44 15.80 -17.54
N GLY C 162 6.87 16.69 -16.72
CA GLY C 162 5.44 16.94 -16.75
C GLY C 162 4.71 16.47 -15.52
N GLY C 163 3.47 16.04 -15.71
CA GLY C 163 2.60 15.66 -14.61
C GLY C 163 1.34 16.50 -14.62
N ASN C 164 0.89 16.87 -13.43
CA ASN C 164 -0.33 17.62 -13.26
C ASN C 164 -0.11 19.10 -13.59
N MET C 165 -0.76 19.56 -14.66
CA MET C 165 -0.67 20.97 -15.07
C MET C 165 -1.14 21.95 -13.98
N ILE C 166 -2.22 21.57 -13.29
CA ILE C 166 -2.90 22.45 -12.33
C ILE C 166 -2.00 23.12 -11.29
N PRO C 167 -1.14 22.34 -10.61
CA PRO C 167 -0.27 22.96 -9.60
C PRO C 167 0.85 23.83 -10.20
N MET C 168 1.37 23.45 -11.36
CA MET C 168 2.45 24.23 -11.96
C MET C 168 1.94 25.57 -12.43
N ILE C 169 0.81 25.55 -13.12
CA ILE C 169 0.22 26.79 -13.59
C ILE C 169 -0.28 27.59 -12.41
N GLY C 170 -0.94 26.90 -11.48
CA GLY C 170 -1.54 27.56 -10.32
C GLY C 170 -0.55 28.29 -9.44
N GLY C 171 0.57 27.65 -9.13
CA GLY C 171 1.56 28.24 -8.25
C GLY C 171 2.25 29.41 -8.92
N LEU C 172 2.31 29.35 -10.24
CA LEU C 172 2.99 30.37 -11.03
C LEU C 172 2.06 31.55 -11.35
N ALA C 173 0.85 31.53 -10.78
CA ALA C 173 -0.25 32.41 -11.18
C ALA C 173 0.06 33.91 -11.16
N SER C 174 0.73 34.39 -10.12
CA SER C 174 0.99 35.81 -9.95
C SER C 174 1.92 36.35 -11.03
N ILE C 175 2.69 35.47 -11.65
CA ILE C 175 3.64 35.86 -12.68
C ILE C 175 3.05 35.66 -14.08
N LEU C 176 1.76 35.32 -14.13
CA LEU C 176 1.11 35.01 -15.40
C LEU C 176 -0.19 35.78 -15.63
N PRO C 177 -0.48 36.09 -16.90
CA PRO C 177 -1.66 36.86 -17.32
C PRO C 177 -2.98 36.13 -17.10
N ASN C 178 -4.02 36.91 -16.77
CA ASN C 178 -5.38 36.39 -16.65
C ASN C 178 -6.03 36.34 -18.02
N ASP C 179 -5.71 35.31 -18.78
CA ASP C 179 -5.87 35.38 -20.22
C ASP C 179 -5.51 34.05 -20.86
N THR C 180 -5.44 34.05 -22.20
CA THR C 180 -5.02 32.89 -22.96
C THR C 180 -3.61 32.45 -22.57
N LEU C 181 -3.48 31.16 -22.27
CA LEU C 181 -2.19 30.57 -21.92
C LEU C 181 -1.62 29.87 -23.15
N PHE C 182 -2.39 28.95 -23.70
CA PHE C 182 -2.10 28.37 -25.00
C PHE C 182 -3.40 27.81 -25.59
N HIS C 183 -3.36 27.38 -26.86
CA HIS C 183 -4.52 26.77 -27.50
C HIS C 183 -4.22 25.31 -27.85
N TYR C 184 -5.26 24.54 -28.16
CA TYR C 184 -5.07 23.22 -28.72
C TYR C 184 -6.22 22.79 -29.65
N THR C 185 -5.87 22.04 -30.69
CA THR C 185 -6.79 21.72 -31.78
C THR C 185 -6.84 20.22 -32.06
N ASP C 186 -8.03 19.62 -32.00
CA ASP C 186 -8.15 18.18 -32.20
C ASP C 186 -8.12 17.77 -33.69
N LYS C 187 -8.38 16.49 -33.93
CA LYS C 187 -8.35 15.92 -35.28
C LYS C 187 -9.45 16.48 -36.18
N TYR C 188 -10.45 17.11 -35.57
CA TYR C 188 -11.61 17.59 -36.30
C TYR C 188 -11.59 19.11 -36.53
N GLY C 189 -10.66 19.79 -35.86
CA GLY C 189 -10.40 21.20 -36.11
C GLY C 189 -10.93 22.14 -35.05
N ASN C 190 -11.58 21.57 -34.02
CA ASN C 190 -12.12 22.38 -32.94
C ASN C 190 -11.00 22.99 -32.10
N LYS C 191 -11.04 24.31 -31.93
CA LYS C 191 -9.99 24.99 -31.20
C LYS C 191 -10.44 25.28 -29.77
N LYS C 192 -9.91 24.49 -28.83
CA LYS C 192 -10.07 24.77 -27.41
C LYS C 192 -8.92 25.65 -26.97
N THR C 193 -9.15 26.43 -25.93
CA THR C 193 -8.15 27.36 -25.43
C THR C 193 -8.04 27.23 -23.91
N ILE C 194 -6.81 27.19 -23.41
CA ILE C 194 -6.59 27.11 -21.98
C ILE C 194 -6.26 28.49 -21.44
N THR C 195 -7.10 29.01 -20.57
CA THR C 195 -6.84 30.31 -19.94
C THR C 195 -6.69 30.12 -18.43
N MET C 196 -6.31 31.19 -17.73
CA MET C 196 -6.19 31.12 -16.28
C MET C 196 -7.55 30.82 -15.64
N LYS C 197 -8.62 31.31 -16.28
CA LYS C 197 -9.98 31.03 -15.83
C LYS C 197 -10.34 29.57 -16.06
N ASN C 198 -9.40 28.79 -16.55
CA ASN C 198 -9.58 27.35 -16.74
C ASN C 198 -8.94 26.55 -15.59
N ILE C 199 -8.09 27.21 -14.82
CA ILE C 199 -7.37 26.53 -13.76
C ILE C 199 -8.03 26.78 -12.41
N PRO C 200 -8.38 25.70 -11.71
CA PRO C 200 -8.99 25.72 -10.38
C PRO C 200 -8.14 26.42 -9.34
N LEU C 201 -7.90 27.72 -9.53
CA LEU C 201 -7.12 28.52 -8.58
C LEU C 201 -7.75 28.56 -7.19
N GLU C 202 -8.97 28.05 -7.08
CA GLU C 202 -9.69 28.03 -5.81
C GLU C 202 -9.54 26.67 -5.11
N ALA C 203 -9.62 25.59 -5.88
CA ALA C 203 -9.37 24.26 -5.35
C ALA C 203 -7.98 24.19 -4.74
N LEU C 204 -7.07 25.00 -5.26
CA LEU C 204 -5.76 25.17 -4.66
C LEU C 204 -5.84 26.13 -3.48
N LYS C 205 -6.92 26.93 -3.47
CA LYS C 205 -7.07 28.04 -2.54
C LYS C 205 -6.02 29.12 -2.82
N ILE C 206 -5.97 29.56 -4.08
CA ILE C 206 -4.95 30.51 -4.52
C ILE C 206 -5.52 31.88 -4.87
N ARG C 208 -7.66 34.22 -6.62
CA ARG C 208 -7.90 34.56 -8.03
C ARG C 208 -7.57 36.03 -8.28
N LYS C 209 -7.80 36.84 -7.26
CA LYS C 209 -7.43 38.25 -7.31
C LYS C 209 -5.91 38.37 -7.26
N THR C 210 -5.27 37.21 -7.32
CA THR C 210 -3.82 37.08 -7.18
C THR C 210 -3.12 37.10 -8.55
N ILE C 211 -3.88 36.75 -9.57
CA ILE C 211 -3.35 36.56 -10.92
C ILE C 211 -2.71 37.82 -11.49
N ASN C 212 -1.53 37.64 -12.08
CA ASN C 212 -0.85 38.71 -12.82
C ASN C 212 -0.68 39.98 -11.98
N THR C 213 0.25 39.93 -11.02
CA THR C 213 0.41 41.02 -10.06
C THR C 213 1.85 41.15 -9.56
N LYS C 214 2.80 40.98 -10.48
CA LYS C 214 4.22 41.08 -10.16
C LYS C 214 5.00 41.03 -11.47
N HIS C 215 5.84 42.04 -11.70
CA HIS C 215 6.42 42.19 -13.02
C HIS C 215 7.94 42.41 -13.00
N VAL C 216 8.67 41.34 -13.24
CA VAL C 216 10.12 41.40 -13.35
C VAL C 216 10.55 40.64 -14.57
N PRO C 217 11.77 40.91 -15.06
CA PRO C 217 12.30 40.12 -16.17
C PRO C 217 12.44 38.67 -15.75
N ILE C 218 12.14 37.75 -16.65
CA ILE C 218 12.15 36.35 -16.26
C ILE C 218 12.96 35.50 -17.25
N ALA C 219 13.98 34.85 -16.73
CA ALA C 219 14.78 33.91 -17.51
C ALA C 219 14.25 32.50 -17.32
N ILE C 220 14.06 31.77 -18.40
CA ILE C 220 13.59 30.40 -18.26
C ILE C 220 14.64 29.44 -18.77
N ILE C 221 14.84 28.35 -18.05
CA ILE C 221 15.82 27.35 -18.45
C ILE C 221 15.15 26.03 -18.83
N THR C 222 15.63 25.44 -19.91
CA THR C 222 15.06 24.16 -20.34
C THR C 222 16.17 23.21 -20.79
N ASN C 223 15.92 21.91 -20.74
CA ASN C 223 16.86 20.99 -21.37
C ASN C 223 16.13 19.97 -22.20
N HIS C 224 16.88 19.02 -22.78
CA HIS C 224 16.29 18.01 -23.64
C HIS C 224 15.23 17.14 -22.95
N LYS C 225 15.18 17.23 -21.62
CA LYS C 225 14.28 16.38 -20.85
C LYS C 225 12.96 17.08 -20.48
N THR C 226 12.95 18.41 -20.53
CA THR C 226 11.73 19.19 -20.30
C THR C 226 10.62 18.75 -21.24
N ALA C 227 9.49 18.31 -20.68
CA ALA C 227 8.49 17.65 -21.50
C ALA C 227 7.07 17.87 -21.03
N SER C 228 6.14 17.80 -21.98
CA SER C 228 4.73 17.65 -21.68
C SER C 228 4.17 18.84 -20.93
N SER C 229 3.58 18.60 -19.75
CA SER C 229 3.01 19.68 -18.96
C SER C 229 4.00 20.79 -18.70
N ALA C 230 5.29 20.44 -18.68
CA ALA C 230 6.33 21.43 -18.46
C ALA C 230 6.56 22.28 -19.72
N GLU C 231 6.39 21.65 -20.88
CA GLU C 231 6.52 22.35 -22.16
C GLU C 231 5.36 23.35 -22.31
N MET C 232 4.16 22.93 -21.93
CA MET C 232 2.98 23.78 -22.04
C MET C 232 3.06 24.92 -21.01
N THR C 233 3.65 24.64 -19.86
CA THR C 233 3.88 25.69 -18.88
C THR C 233 4.85 26.71 -19.46
N PHE C 234 5.86 26.18 -20.17
CA PHE C 234 6.84 27.01 -20.89
C PHE C 234 6.09 27.91 -21.86
N LEU C 235 5.31 27.28 -22.73
CA LEU C 235 4.52 28.01 -23.74
C LEU C 235 3.61 29.07 -23.15
N SER C 236 3.15 28.89 -21.92
CA SER C 236 2.26 29.88 -21.32
C SER C 236 2.98 31.20 -21.14
N PHE C 237 4.29 31.17 -21.31
CA PHE C 237 5.17 32.33 -21.12
C PHE C 237 5.67 32.90 -22.45
N LYS C 238 5.54 32.10 -23.50
CA LYS C 238 6.03 32.45 -24.84
C LYS C 238 5.43 33.75 -25.35
N GLY C 239 6.28 34.75 -25.56
CA GLY C 239 5.83 35.99 -26.14
C GLY C 239 5.54 37.09 -25.15
N LEU C 240 5.56 36.79 -23.86
CA LEU C 240 5.45 37.86 -22.87
C LEU C 240 6.72 38.72 -22.98
N PRO C 241 6.60 40.01 -22.64
CA PRO C 241 7.66 40.99 -22.92
C PRO C 241 8.96 40.77 -22.14
N ASN C 242 8.85 40.37 -20.88
CA ASN C 242 10.00 40.28 -20.00
C ASN C 242 10.75 38.94 -20.06
N VAL C 243 10.17 37.97 -20.74
CA VAL C 243 10.67 36.61 -20.71
C VAL C 243 11.77 36.33 -21.73
N LYS C 244 12.82 35.65 -21.29
CA LYS C 244 13.76 35.02 -22.21
C LYS C 244 14.07 33.61 -21.71
N SER C 245 14.33 32.70 -22.66
CA SER C 245 14.54 31.28 -22.34
C SER C 245 15.95 30.80 -22.75
N PHE C 246 16.52 29.90 -21.95
CA PHE C 246 17.89 29.42 -22.16
C PHE C 246 18.08 27.89 -22.03
N GLY C 247 19.00 27.34 -22.79
CA GLY C 247 19.36 25.94 -22.60
C GLY C 247 19.32 25.09 -23.85
N GLN C 248 18.42 24.10 -23.85
CA GLN C 248 18.28 23.17 -24.96
C GLN C 248 16.84 23.05 -25.42
N ALA C 249 16.67 22.71 -26.70
CA ALA C 249 15.36 22.33 -27.21
C ALA C 249 14.71 21.31 -26.28
N THR C 250 13.41 21.45 -26.03
CA THR C 250 12.71 20.60 -25.08
C THR C 250 12.46 19.23 -25.69
N ALA C 251 11.73 18.38 -24.97
CA ALA C 251 11.61 16.98 -25.35
C ALA C 251 10.86 16.78 -26.67
N GLY C 252 9.81 17.57 -26.89
CA GLY C 252 9.00 17.40 -28.08
C GLY C 252 7.68 16.71 -27.80
N TYR C 253 7.16 16.91 -26.59
CA TYR C 253 5.89 16.29 -26.22
C TYR C 253 4.83 17.37 -26.11
N THR C 254 4.89 18.28 -27.08
CA THR C 254 3.94 19.38 -27.21
C THR C 254 2.67 18.88 -27.88
N THR C 255 1.89 18.14 -27.12
CA THR C 255 0.56 17.72 -27.55
C THR C 255 -0.30 17.68 -26.30
N VAL C 256 -1.62 17.79 -26.48
CA VAL C 256 -2.53 17.60 -25.35
C VAL C 256 -3.03 16.15 -25.33
N ASN C 257 -3.00 15.53 -24.15
CA ASN C 257 -3.58 14.21 -23.96
C ASN C 257 -4.88 14.28 -23.15
N GLU C 258 -5.80 13.36 -23.41
CA GLU C 258 -6.88 13.12 -22.46
C GLU C 258 -6.57 11.82 -21.76
N THR C 259 -7.02 11.67 -20.52
CA THR C 259 -6.65 10.49 -19.76
C THR C 259 -7.88 9.68 -19.38
N PHE C 260 -7.93 8.44 -19.87
CA PHE C 260 -9.09 7.59 -19.67
C PHE C 260 -8.79 6.48 -18.68
N MET C 261 -9.69 6.30 -17.73
CA MET C 261 -9.52 5.32 -16.65
C MET C 261 -10.13 4.00 -17.06
N LEU C 262 -9.35 2.93 -17.00
CA LEU C 262 -9.84 1.64 -17.46
C LEU C 262 -10.39 0.83 -16.28
N TYR C 263 -11.06 -0.28 -16.57
CA TYR C 263 -11.81 -1.01 -15.55
C TYR C 263 -10.95 -1.43 -14.35
N ASP C 264 -9.67 -1.68 -14.61
CA ASP C 264 -8.79 -2.25 -13.60
C ASP C 264 -7.83 -1.22 -13.01
N GLY C 265 -8.02 0.05 -13.36
CA GLY C 265 -7.20 1.10 -12.81
C GLY C 265 -6.01 1.52 -13.67
N ALA C 266 -5.87 0.91 -14.84
CA ALA C 266 -4.87 1.37 -15.78
C ALA C 266 -5.34 2.69 -16.39
N ARG C 267 -4.41 3.43 -16.99
CA ARG C 267 -4.76 4.72 -17.58
C ARG C 267 -4.43 4.76 -19.06
N LEU C 268 -5.41 5.11 -19.88
CA LEU C 268 -5.11 5.35 -21.28
C LEU C 268 -4.76 6.83 -21.43
N ALA C 269 -3.50 7.09 -21.77
CA ALA C 269 -3.07 8.45 -22.03
C ALA C 269 -3.08 8.65 -23.54
N LEU C 270 -4.04 9.43 -24.03
CA LEU C 270 -4.31 9.49 -25.46
C LEU C 270 -4.14 10.90 -26.02
N THR C 271 -3.33 11.02 -27.05
CA THR C 271 -3.04 12.31 -27.68
C THR C 271 -4.20 12.72 -28.56
N THR C 272 -4.75 13.89 -28.26
CA THR C 272 -5.96 14.36 -28.92
C THR C 272 -5.87 15.80 -29.39
N GLY C 273 -4.78 16.49 -29.06
CA GLY C 273 -4.68 17.90 -29.40
C GLY C 273 -3.34 18.35 -29.95
N ILE C 274 -3.39 19.21 -30.97
CA ILE C 274 -2.22 19.97 -31.41
C ILE C 274 -2.18 21.26 -30.59
N VAL C 275 -0.99 21.79 -30.38
CA VAL C 275 -0.84 22.94 -29.51
C VAL C 275 -0.38 24.15 -30.30
N SER C 276 -0.72 25.33 -29.81
CA SER C 276 -0.31 26.57 -30.43
C SER C 276 -0.14 27.64 -29.37
N ASP C 277 0.95 28.40 -29.42
CA ASP C 277 1.12 29.46 -28.43
C ASP C 277 0.32 30.71 -28.82
N ARG C 278 0.29 31.67 -27.92
CA ARG C 278 -0.53 32.86 -28.10
C ARG C 278 -0.11 33.68 -29.33
N GLN C 279 1.03 33.33 -29.91
CA GLN C 279 1.53 34.04 -31.08
C GLN C 279 1.13 33.29 -32.34
N GLY C 280 0.80 32.02 -32.18
CA GLY C 280 0.27 31.24 -33.29
C GLY C 280 1.22 30.20 -33.82
N TYR C 281 2.46 30.17 -33.32
CA TYR C 281 3.35 29.07 -33.68
C TYR C 281 2.69 27.75 -33.22
N LYS C 282 2.53 26.82 -34.14
CA LYS C 282 1.92 25.54 -33.80
C LYS C 282 3.01 24.53 -33.50
N TYR C 283 2.77 23.72 -32.47
CA TYR C 283 3.71 22.68 -32.08
C TYR C 283 2.98 21.34 -32.14
N GLU C 284 3.62 20.34 -32.71
CA GLU C 284 3.04 19.01 -32.84
C GLU C 284 4.08 17.96 -32.55
N ASN C 285 4.29 17.69 -31.27
CA ASN C 285 5.31 16.75 -30.83
C ASN C 285 6.67 17.13 -31.39
N THR C 286 6.90 18.44 -31.48
CA THR C 286 8.18 18.95 -31.91
C THR C 286 8.78 19.75 -30.75
N PRO C 287 10.10 19.69 -30.63
CA PRO C 287 10.80 20.42 -29.56
C PRO C 287 10.47 21.90 -29.58
N ILE C 288 10.53 22.54 -28.44
CA ILE C 288 10.47 24.00 -28.35
C ILE C 288 11.87 24.54 -28.25
N LEU C 289 12.23 25.44 -29.16
CA LEU C 289 13.55 26.06 -29.18
C LEU C 289 13.63 27.19 -28.17
N PRO C 290 14.61 27.16 -27.26
CA PRO C 290 14.77 28.34 -26.40
C PRO C 290 15.30 29.53 -27.20
N ASP C 291 15.19 30.72 -26.65
CA ASP C 291 15.78 31.90 -27.27
C ASP C 291 17.28 31.70 -27.53
N GLN C 292 17.98 31.10 -26.57
CA GLN C 292 19.44 30.94 -26.69
C GLN C 292 19.92 29.53 -26.34
N VAL C 293 20.37 28.80 -27.36
CA VAL C 293 20.90 27.46 -27.12
C VAL C 293 22.29 27.57 -26.50
N THR C 294 22.40 27.21 -25.23
CA THR C 294 23.67 27.28 -24.50
C THR C 294 23.85 26.08 -23.60
N SER C 295 25.12 25.69 -23.38
CA SER C 295 25.43 24.66 -22.38
C SER C 295 25.66 25.30 -20.99
N LEU C 296 25.66 26.63 -20.93
CA LEU C 296 25.86 27.33 -19.67
C LEU C 296 24.68 28.24 -19.38
N PRO C 297 23.45 27.68 -19.36
CA PRO C 297 22.21 28.46 -19.24
C PRO C 297 22.09 29.20 -17.91
N LEU C 298 22.67 28.65 -16.85
CA LEU C 298 22.66 29.32 -15.56
C LEU C 298 23.55 30.56 -15.64
N GLN C 299 24.65 30.45 -16.39
CA GLN C 299 25.61 31.56 -16.49
C GLN C 299 25.02 32.63 -17.39
N GLU C 300 24.42 32.19 -18.49
CA GLU C 300 23.88 33.11 -19.50
C GLU C 300 22.66 33.90 -19.03
N SER C 301 21.68 33.27 -18.37
CA SER C 301 20.52 34.04 -17.89
C SER C 301 20.91 35.02 -16.80
N GLN C 302 21.95 34.69 -16.04
CA GLN C 302 22.42 35.60 -15.01
C GLN C 302 22.87 36.90 -15.65
N SER C 303 23.74 36.78 -16.65
CA SER C 303 24.27 37.95 -17.36
C SER C 303 23.18 38.68 -18.16
N TRP C 304 22.21 37.93 -18.70
CA TRP C 304 21.06 38.56 -19.34
C TRP C 304 20.19 39.30 -18.33
N LEU C 305 19.90 38.63 -17.21
CA LEU C 305 19.01 39.19 -16.19
C LEU C 305 19.49 40.54 -15.69
N LYS C 306 20.80 40.65 -15.51
CA LYS C 306 21.42 41.83 -14.95
C LYS C 306 21.20 43.03 -15.86
N SER C 307 21.39 42.81 -17.16
CA SER C 307 21.29 43.88 -18.15
C SER C 307 19.91 44.55 -18.10
N ARG C 308 18.88 43.75 -17.85
CA ARG C 308 17.52 44.28 -17.71
C ARG C 308 17.24 44.81 -16.29
N ILE C 309 18.06 44.39 -15.33
CA ILE C 309 17.84 44.74 -13.94
C ILE C 309 18.61 46.01 -13.57
N LEU D 23 0.60 -20.30 7.26
CA LEU D 23 1.92 -20.91 7.39
C LEU D 23 2.28 -21.25 8.83
N ASN D 24 1.30 -21.52 9.66
CA ASN D 24 1.55 -21.97 11.02
C ASN D 24 2.24 -20.92 11.88
N ILE D 25 1.51 -19.85 12.16
CA ILE D 25 2.03 -18.72 12.88
C ILE D 25 1.63 -18.78 14.34
N TYR D 26 2.57 -18.48 15.24
CA TYR D 26 2.23 -18.23 16.64
C TYR D 26 2.62 -16.80 16.97
N LEU D 27 1.65 -16.01 17.43
CA LEU D 27 1.91 -14.64 17.89
C LEU D 27 1.19 -14.39 19.21
N LEU D 28 1.91 -13.78 20.14
CA LEU D 28 1.28 -13.33 21.38
C LEU D 28 1.89 -11.98 21.67
N PRO D 29 1.40 -10.94 20.97
CA PRO D 29 1.96 -9.58 21.07
C PRO D 29 1.99 -9.03 22.51
N PRO D 30 2.92 -8.11 22.81
CA PRO D 30 2.99 -7.49 24.14
C PRO D 30 1.73 -6.69 24.50
N SER D 31 1.46 -6.57 25.79
CA SER D 31 0.45 -5.64 26.28
C SER D 31 0.87 -4.22 25.99
N SER D 32 -0.09 -3.29 26.07
CA SER D 32 0.22 -1.87 25.90
C SER D 32 1.29 -1.39 26.88
N GLU D 33 1.21 -1.87 28.11
CA GLU D 33 2.19 -1.53 29.12
C GLU D 33 3.57 -2.06 28.73
N ARG D 34 3.65 -3.33 28.35
CA ARG D 34 4.95 -3.92 28.03
C ARG D 34 5.59 -3.24 26.82
N TYR D 35 4.74 -2.86 25.87
CA TYR D 35 5.19 -2.12 24.71
C TYR D 35 5.87 -0.80 25.14
N GLY D 36 5.29 -0.11 26.10
CA GLY D 36 5.91 1.10 26.62
C GLY D 36 7.19 0.76 27.37
N ARG D 37 7.16 -0.33 28.16
CA ARG D 37 8.32 -0.74 28.93
C ARG D 37 9.54 -1.05 28.04
N VAL D 38 9.31 -1.67 26.90
CA VAL D 38 10.36 -1.95 25.93
C VAL D 38 11.11 -0.66 25.55
N ILE D 39 10.35 0.37 25.23
CA ILE D 39 10.91 1.65 24.86
C ILE D 39 11.72 2.22 26.02
N LEU D 40 11.14 2.23 27.22
CA LEU D 40 11.86 2.77 28.39
C LEU D 40 13.16 1.99 28.67
N ASP D 41 13.13 0.67 28.54
CA ASP D 41 14.34 -0.15 28.73
C ASP D 41 15.44 0.23 27.74
N ARG D 42 15.06 0.45 26.49
CA ARG D 42 16.03 0.89 25.47
C ARG D 42 16.59 2.27 25.77
N VAL D 43 15.73 3.21 26.15
CA VAL D 43 16.20 4.56 26.47
C VAL D 43 17.21 4.51 27.63
N GLU D 44 16.89 3.77 28.69
CA GLU D 44 17.82 3.50 29.79
C GLU D 44 19.16 2.89 29.28
N GLN D 45 19.10 1.82 28.48
CA GLN D 45 20.33 1.10 28.08
C GLN D 45 21.29 1.93 27.22
N ARG D 46 20.75 2.71 26.28
CA ARG D 46 21.57 3.32 25.24
C ARG D 46 21.51 4.86 25.16
N GLY D 47 20.44 5.46 25.65
CA GLY D 47 20.20 6.89 25.51
C GLY D 47 21.30 7.65 26.21
N LEU D 48 21.76 8.75 25.63
CA LEU D 48 22.89 9.49 26.23
C LEU D 48 22.59 10.05 27.65
N TYR D 49 21.35 10.42 27.90
CA TYR D 49 21.04 11.27 29.07
C TYR D 49 20.22 10.59 30.16
N SER D 50 20.00 9.29 30.01
CA SER D 50 18.97 8.59 30.78
C SER D 50 19.48 8.03 32.10
N GLN D 51 20.02 8.89 32.94
CA GLN D 51 20.41 8.49 34.29
C GLN D 51 20.40 9.73 35.13
N GLY D 52 20.29 9.55 36.44
CA GLY D 52 20.21 10.69 37.34
C GLY D 52 18.83 10.84 37.94
N ARG D 53 18.63 11.91 38.72
CA ARG D 53 17.44 12.04 39.56
C ARG D 53 16.21 12.46 38.77
N GLN D 54 16.39 13.44 37.88
CA GLN D 54 15.29 13.93 37.05
C GLN D 54 14.84 12.86 36.05
N TRP D 55 15.79 12.08 35.53
CA TRP D 55 15.44 10.93 34.71
C TRP D 55 14.60 9.89 35.46
N GLN D 56 14.94 9.64 36.72
CA GLN D 56 14.18 8.67 37.50
C GLN D 56 12.76 9.16 37.68
N ILE D 57 12.61 10.45 37.90
CA ILE D 57 11.28 11.03 38.06
C ILE D 57 10.48 10.94 36.75
N ILE D 58 11.09 11.28 35.63
CA ILE D 58 10.46 11.12 34.32
C ILE D 58 10.04 9.66 34.10
N ARG D 59 10.97 8.73 34.33
CA ARG D 59 10.70 7.31 34.07
C ARG D 59 9.58 6.77 34.97
N GLN D 60 9.65 7.08 36.25
CA GLN D 60 8.65 6.58 37.19
C GLN D 60 7.28 7.11 36.86
N ARG D 61 7.20 8.41 36.55
CA ARG D 61 5.93 9.00 36.13
C ARG D 61 5.38 8.22 34.94
N SER D 62 6.24 7.98 33.95
CA SER D 62 5.85 7.26 32.75
C SER D 62 5.31 5.86 33.09
N GLU D 63 6.05 5.13 33.91
CA GLU D 63 5.72 3.75 34.26
C GLU D 63 4.36 3.65 34.95
N LYS D 64 4.09 4.63 35.83
CA LYS D 64 2.80 4.74 36.48
C LYS D 64 1.71 4.87 35.45
N LYS D 65 1.86 5.89 34.60
CA LYS D 65 0.89 6.17 33.54
C LYS D 65 0.65 4.94 32.66
N LEU D 66 1.70 4.19 32.36
CA LEU D 66 1.56 3.03 31.50
C LEU D 66 0.52 2.03 32.04
N LYS D 67 0.29 2.02 33.36
CA LYS D 67 -0.70 1.10 33.95
C LYS D 67 -2.10 1.39 33.41
N THR D 68 -2.30 2.62 32.95
CA THR D 68 -3.60 3.04 32.43
C THR D 68 -3.67 2.95 30.90
N SER D 69 -2.54 2.68 30.26
CA SER D 69 -2.51 2.74 28.80
C SER D 69 -3.41 1.65 28.22
N LYS D 70 -4.10 1.98 27.14
CA LYS D 70 -5.00 1.06 26.47
C LYS D 70 -4.61 0.78 25.00
N SER D 71 -3.47 1.28 24.54
CA SER D 71 -3.01 0.98 23.19
C SER D 71 -1.54 1.35 23.02
N TYR D 72 -0.92 0.83 21.97
CA TYR D 72 0.45 1.19 21.61
C TYR D 72 0.61 2.70 21.37
N GLN D 73 -0.36 3.33 20.70
CA GLN D 73 -0.20 4.74 20.35
C GLN D 73 -0.24 5.54 21.64
N GLU D 74 -1.16 5.17 22.53
CA GLU D 74 -1.20 5.75 23.84
C GLU D 74 0.13 5.59 24.57
N SER D 75 0.76 4.41 24.44
CA SER D 75 2.00 4.14 25.16
C SER D 75 3.10 4.99 24.55
N ARG D 76 3.08 5.15 23.24
CA ARG D 76 4.03 6.06 22.62
C ARG D 76 3.87 7.47 23.16
N ASN D 77 2.64 7.93 23.37
CA ASN D 77 2.47 9.28 23.93
C ASN D 77 2.98 9.31 25.35
N ILE D 78 2.73 8.24 26.10
CA ILE D 78 3.08 8.24 27.50
C ILE D 78 4.59 8.28 27.72
N VAL D 79 5.37 7.66 26.82
CA VAL D 79 6.82 7.58 27.06
C VAL D 79 7.59 8.68 26.31
N GLN D 80 6.85 9.51 25.60
CA GLN D 80 7.41 10.58 24.77
C GLN D 80 8.34 11.50 25.55
N GLU D 81 7.93 11.90 26.75
CA GLU D 81 8.76 12.73 27.59
C GLU D 81 10.07 12.02 27.97
N ALA D 82 9.96 10.72 28.25
CA ALA D 82 11.12 9.93 28.61
C ALA D 82 12.12 9.84 27.46
N VAL D 83 11.60 9.67 26.26
CA VAL D 83 12.42 9.61 25.06
C VAL D 83 13.15 10.94 24.84
N ARG D 84 12.40 12.04 24.95
CA ARG D 84 12.97 13.36 24.67
C ARG D 84 14.04 13.75 25.70
N TYR D 85 13.77 13.50 26.98
CA TYR D 85 14.78 13.71 28.01
C TYR D 85 15.90 12.69 27.91
N GLY D 86 15.57 11.41 27.88
CA GLY D 86 16.61 10.39 27.92
C GLY D 86 17.49 10.33 26.67
N GLY D 87 16.90 10.63 25.53
CA GLY D 87 17.60 10.63 24.27
C GLY D 87 18.05 12.01 23.82
N GLY D 88 17.31 13.05 24.20
CA GLY D 88 17.61 14.40 23.77
C GLY D 88 16.85 14.78 22.51
N LYS D 89 17.16 15.94 21.93
CA LYS D 89 16.33 16.47 20.85
C LYS D 89 16.42 15.72 19.51
N HIS D 90 17.46 14.91 19.31
CA HIS D 90 17.61 14.15 18.06
C HIS D 90 16.82 12.83 18.14
N SER D 91 16.27 12.55 19.32
CA SER D 91 15.51 11.33 19.57
C SER D 91 14.02 11.51 19.36
N GLN D 92 13.35 10.49 18.83
CA GLN D 92 11.90 10.54 18.73
C GLN D 92 11.32 9.15 18.49
N ILE D 93 10.04 8.96 18.81
CA ILE D 93 9.33 7.77 18.33
C ILE D 93 8.48 8.11 17.13
N LEU D 94 8.68 7.38 16.04
CA LEU D 94 7.89 7.53 14.84
C LEU D 94 6.94 6.33 14.69
N SER D 95 5.66 6.63 14.51
CA SER D 95 4.66 5.61 14.21
C SER D 95 4.96 5.02 12.85
N LYS D 96 4.43 3.82 12.60
CA LYS D 96 4.49 3.15 11.29
C LYS D 96 4.13 4.10 10.13
N GLU D 97 3.04 4.85 10.28
CA GLU D 97 2.61 5.77 9.23
C GLU D 97 3.50 6.99 9.12
N THR D 98 4.08 7.43 10.22
CA THR D 98 4.97 8.58 10.14
C THR D 98 6.23 8.19 9.39
N VAL D 99 6.72 6.98 9.67
CA VAL D 99 7.90 6.47 8.96
C VAL D 99 7.63 6.40 7.47
N ARG D 100 6.47 5.86 7.12
CA ARG D 100 6.11 5.69 5.71
C ARG D 100 5.99 7.03 5.01
N ARG D 101 5.26 7.97 5.61
CA ARG D 101 5.06 9.30 5.01
C ARG D 101 6.39 10.06 4.83
N ASP D 102 7.30 9.90 5.79
CA ASP D 102 8.62 10.53 5.71
C ASP D 102 9.48 9.89 4.64
N THR D 103 9.20 8.63 4.35
CA THR D 103 9.88 7.90 3.29
C THR D 103 9.64 8.49 1.89
N LEU D 104 8.40 8.93 1.65
CA LEU D 104 8.01 9.39 0.32
C LEU D 104 8.46 10.82 0.05
N ASP D 105 9.26 11.37 0.95
CA ASP D 105 9.78 12.73 0.81
C ASP D 105 11.17 12.75 0.18
N SER D 106 11.76 11.56 0.04
CA SER D 106 13.08 11.44 -0.55
C SER D 106 13.08 12.02 -1.98
N ARG D 107 14.17 12.70 -2.31
CA ARG D 107 14.42 13.13 -3.69
C ARG D 107 15.80 12.59 -4.09
N TYR D 108 16.16 12.69 -5.37
CA TYR D 108 17.49 12.25 -5.81
C TYR D 108 18.36 13.44 -6.17
N PRO D 109 19.68 13.24 -6.18
CA PRO D 109 20.59 14.34 -6.56
C PRO D 109 20.44 14.79 -8.02
N GLU D 110 20.74 16.06 -8.28
CA GLU D 110 20.86 16.58 -9.64
C GLU D 110 22.04 17.49 -9.71
N TYR D 111 22.43 17.87 -10.94
CA TYR D 111 23.51 18.82 -11.12
C TYR D 111 23.17 19.80 -12.23
N ARG D 112 23.78 20.98 -12.15
CA ARG D 112 23.70 21.99 -13.19
C ARG D 112 25.13 22.44 -13.44
N ARG D 113 25.46 22.74 -14.69
CA ARG D 113 26.80 23.22 -14.96
C ARG D 113 26.82 24.71 -14.72
N LEU D 114 27.77 25.18 -13.93
CA LEU D 114 27.92 26.61 -13.73
C LEU D 114 28.78 27.21 -14.83
N ASN D 115 29.96 26.65 -15.03
CA ASN D 115 30.77 26.96 -16.20
C ASN D 115 31.47 25.72 -16.67
N GLU D 116 32.41 25.91 -17.59
CA GLU D 116 33.15 24.79 -18.14
C GLU D 116 33.82 23.98 -17.04
N ASP D 117 34.08 24.62 -15.90
CA ASP D 117 34.97 24.04 -14.91
C ASP D 117 34.29 23.57 -13.60
N ILE D 118 33.05 24.00 -13.41
CA ILE D 118 32.38 23.85 -12.13
C ILE D 118 30.98 23.24 -12.26
N LEU D 119 30.71 22.22 -11.45
CA LEU D 119 29.36 21.67 -11.34
C LEU D 119 28.76 21.97 -9.97
N LEU D 120 27.49 22.35 -9.97
CA LEU D 120 26.70 22.49 -8.77
C LEU D 120 25.87 21.21 -8.59
N ILE D 121 26.21 20.43 -7.55
CA ILE D 121 25.52 19.17 -7.27
C ILE D 121 24.58 19.31 -6.08
N THR D 122 23.30 19.06 -6.32
CA THR D 122 22.32 19.13 -5.25
C THR D 122 22.21 17.77 -4.57
N ILE D 123 22.46 17.74 -3.27
CA ILE D 123 22.45 16.49 -2.51
C ILE D 123 21.37 16.52 -1.43
N PRO D 124 20.19 15.97 -1.76
CA PRO D 124 19.01 16.12 -0.92
C PRO D 124 18.75 14.95 0.03
N SER D 125 17.87 15.20 0.98
CA SER D 125 17.34 14.18 1.89
C SER D 125 16.86 12.93 1.18
N ILE D 126 17.22 11.77 1.69
CA ILE D 126 16.56 10.53 1.31
C ILE D 126 16.51 9.55 2.50
N SER D 127 15.34 8.99 2.73
CA SER D 127 15.03 8.16 3.90
C SER D 127 14.75 6.72 3.55
N LYS D 128 14.64 6.42 2.27
CA LYS D 128 14.30 5.07 1.87
C LYS D 128 15.44 4.11 2.24
N LEU D 129 15.08 2.86 2.54
CA LEU D 129 16.04 1.82 2.88
C LEU D 129 16.25 0.90 1.70
N ASP D 130 15.23 0.76 0.86
CA ASP D 130 15.27 -0.25 -0.21
C ASP D 130 16.45 -0.06 -1.14
N LYS D 131 17.05 -1.19 -1.48
CA LYS D 131 18.28 -1.27 -2.25
C LYS D 131 18.19 -0.50 -3.59
N ARG D 132 17.07 -0.62 -4.29
CA ARG D 132 16.99 0.02 -5.61
C ARG D 132 17.01 1.55 -5.50
N SER D 133 16.14 2.09 -4.66
CA SER D 133 16.09 3.53 -4.42
C SER D 133 17.44 4.11 -4.05
N ILE D 134 18.12 3.52 -3.06
CA ILE D 134 19.41 4.05 -2.58
C ILE D 134 20.51 3.75 -3.60
N SER D 135 20.32 2.70 -4.41
CA SER D 135 21.21 2.47 -5.54
C SER D 135 21.05 3.54 -6.64
N HIS D 136 19.82 4.00 -6.86
CA HIS D 136 19.57 4.99 -7.91
C HIS D 136 20.16 6.33 -7.50
N TYR D 137 20.03 6.66 -6.21
CA TYR D 137 20.57 7.87 -5.63
C TYR D 137 22.11 7.88 -5.67
N SER D 138 22.72 6.86 -5.09
CA SER D 138 24.18 6.75 -5.12
C SER D 138 24.71 6.62 -6.56
N GLY D 139 23.93 5.96 -7.42
CA GLY D 139 24.35 5.72 -8.79
C GLY D 139 24.42 7.03 -9.55
N LYS D 140 23.42 7.87 -9.38
CA LYS D 140 23.40 9.17 -10.04
C LYS D 140 24.58 10.02 -9.60
N LEU D 141 24.91 9.96 -8.31
CA LEU D 141 26.00 10.79 -7.80
C LEU D 141 27.33 10.31 -8.36
N GLN D 142 27.53 9.00 -8.39
CA GLN D 142 28.79 8.47 -8.92
C GLN D 142 28.96 8.85 -10.39
N ASN D 143 27.89 8.69 -11.15
CA ASN D 143 27.92 8.99 -12.59
C ASN D 143 28.32 10.44 -12.85
N ILE D 144 27.75 11.38 -12.13
CA ILE D 144 28.17 12.78 -12.24
C ILE D 144 29.66 12.93 -11.92
N LEU D 145 30.14 12.31 -10.84
CA LEU D 145 31.53 12.50 -10.43
C LEU D 145 32.54 11.81 -11.36
N MET D 146 32.18 10.65 -11.90
CA MET D 146 33.10 9.88 -12.72
C MET D 146 32.98 10.19 -14.21
N GLU D 147 31.76 10.51 -14.66
CA GLU D 147 31.48 10.60 -16.10
C GLU D 147 31.54 12.00 -16.69
N LYS D 148 31.74 13.01 -15.86
CA LYS D 148 31.61 14.36 -16.37
C LYS D 148 32.84 15.19 -16.08
N SER D 149 33.08 16.17 -16.94
CA SER D 149 34.28 16.99 -16.88
C SER D 149 34.07 18.21 -16.01
N TYR D 150 35.04 18.46 -15.14
CA TYR D 150 35.00 19.58 -14.20
C TYR D 150 36.34 19.72 -13.50
N LYS D 151 36.61 20.88 -12.94
CA LYS D 151 37.85 21.06 -12.20
C LYS D 151 37.59 21.36 -10.72
N GLY D 152 36.32 21.56 -10.38
CA GLY D 152 35.94 21.88 -9.03
C GLY D 152 34.46 21.60 -8.87
N LEU D 153 34.01 21.46 -7.61
CA LEU D 153 32.61 21.11 -7.36
C LEU D 153 31.97 21.99 -6.29
N ILE D 154 30.66 22.14 -6.38
CA ILE D 154 29.89 22.72 -5.31
C ILE D 154 28.91 21.64 -4.87
N LEU D 155 29.02 21.22 -3.61
CA LEU D 155 28.10 20.26 -3.01
C LEU D 155 27.09 21.04 -2.20
N ASP D 156 25.84 21.04 -2.62
CA ASP D 156 24.87 21.84 -1.88
C ASP D 156 24.01 20.95 -0.97
N LEU D 157 24.24 21.08 0.34
CA LEU D 157 23.52 20.31 1.33
C LEU D 157 22.38 21.11 2.00
N SER D 158 22.09 22.31 1.49
CA SER D 158 20.96 23.10 1.97
C SER D 158 19.67 22.28 2.01
N ASN D 159 18.94 22.39 3.11
CA ASN D 159 17.63 21.76 3.25
C ASN D 159 17.67 20.22 3.23
N ASN D 160 18.86 19.64 3.31
CA ASN D 160 18.98 18.18 3.42
C ASN D 160 18.86 17.84 4.90
N THR D 161 17.70 17.36 5.34
CA THR D 161 17.51 17.12 6.77
C THR D 161 17.92 15.69 7.17
N GLY D 162 18.56 14.98 6.25
CA GLY D 162 19.19 13.71 6.57
C GLY D 162 18.46 12.52 5.98
N GLY D 163 18.49 11.42 6.72
CA GLY D 163 17.88 10.18 6.27
C GLY D 163 18.90 9.06 6.27
N ASN D 164 18.95 8.34 5.16
CA ASN D 164 19.87 7.21 5.00
C ASN D 164 21.27 7.68 4.61
N MET D 165 22.23 7.49 5.49
CA MET D 165 23.60 7.91 5.24
C MET D 165 24.25 7.14 4.09
N ILE D 166 23.88 5.88 3.92
CA ILE D 166 24.57 5.03 2.98
C ILE D 166 24.62 5.64 1.57
N PRO D 167 23.47 6.02 0.99
CA PRO D 167 23.55 6.56 -0.37
C PRO D 167 24.31 7.89 -0.43
N MET D 168 24.20 8.72 0.61
CA MET D 168 24.87 10.02 0.60
C MET D 168 26.39 9.87 0.61
N ILE D 169 26.91 9.10 1.57
CA ILE D 169 28.36 8.88 1.61
C ILE D 169 28.78 8.01 0.44
N GLY D 170 28.02 6.95 0.19
CA GLY D 170 28.37 6.00 -0.86
C GLY D 170 28.51 6.65 -2.22
N GLY D 171 27.52 7.44 -2.60
CA GLY D 171 27.51 8.11 -3.89
C GLY D 171 28.70 9.03 -4.05
N LEU D 172 29.17 9.58 -2.92
CA LEU D 172 30.30 10.51 -2.93
C LEU D 172 31.64 9.81 -2.72
N ALA D 173 31.66 8.49 -2.86
CA ALA D 173 32.84 7.72 -2.47
C ALA D 173 34.11 8.16 -3.20
N SER D 174 33.99 8.54 -4.47
CA SER D 174 35.18 8.83 -5.26
C SER D 174 35.87 10.12 -4.85
N ILE D 175 35.16 10.99 -4.11
CA ILE D 175 35.82 12.19 -3.59
C ILE D 175 36.01 12.16 -2.08
N LEU D 176 35.95 10.98 -1.46
CA LEU D 176 36.18 10.88 0.00
C LEU D 176 37.35 9.96 0.30
N PRO D 177 38.03 10.17 1.44
CA PRO D 177 39.16 9.30 1.77
C PRO D 177 38.76 7.85 2.11
N ASN D 178 39.76 6.99 2.10
CA ASN D 178 39.55 5.60 2.50
C ASN D 178 40.04 5.33 3.91
N ASP D 179 39.71 6.22 4.83
CA ASP D 179 39.91 5.94 6.24
C ASP D 179 38.88 6.70 7.06
N THR D 180 39.32 7.33 8.13
CA THR D 180 38.40 7.98 9.07
C THR D 180 37.49 9.02 8.43
N LEU D 181 36.19 8.85 8.61
CA LEU D 181 35.23 9.88 8.21
C LEU D 181 34.84 10.77 9.41
N PHE D 182 34.40 10.14 10.52
CA PHE D 182 34.15 10.79 11.81
C PHE D 182 34.16 9.73 12.91
N HIS D 183 34.25 10.17 14.16
CA HIS D 183 34.18 9.26 15.31
C HIS D 183 32.88 9.48 16.06
N TYR D 184 32.46 8.47 16.81
CA TYR D 184 31.36 8.64 17.75
C TYR D 184 31.54 7.77 18.99
N THR D 185 31.19 8.33 20.13
CA THR D 185 31.40 7.71 21.44
C THR D 185 30.08 7.58 22.18
N ASP D 186 29.76 6.40 22.70
CA ASP D 186 28.48 6.23 23.40
C ASP D 186 28.56 6.67 24.87
N LYS D 187 27.47 6.43 25.60
CA LYS D 187 27.37 6.95 26.97
C LYS D 187 28.35 6.29 27.96
N TYR D 188 28.94 5.15 27.60
CA TYR D 188 29.87 4.48 28.52
C TYR D 188 31.32 4.77 28.13
N GLY D 189 31.50 5.75 27.24
CA GLY D 189 32.82 6.11 26.74
C GLY D 189 33.38 5.12 25.74
N ASN D 190 32.49 4.32 25.17
CA ASN D 190 32.88 3.38 24.13
C ASN D 190 33.06 4.09 22.78
N LYS D 191 34.31 4.15 22.29
CA LYS D 191 34.64 4.96 21.12
C LYS D 191 34.72 4.14 19.85
N LYS D 192 34.07 4.62 18.79
CA LYS D 192 34.12 3.96 17.48
C LYS D 192 34.38 4.94 16.33
N THR D 193 34.76 4.40 15.17
CA THR D 193 35.05 5.22 14.00
C THR D 193 34.30 4.76 12.76
N ILE D 194 33.65 5.69 12.07
CA ILE D 194 33.05 5.37 10.77
C ILE D 194 34.07 5.61 9.65
N THR D 195 34.29 4.58 8.85
CA THR D 195 35.11 4.67 7.66
C THR D 195 34.34 4.12 6.49
N MET D 196 34.93 4.21 5.30
CA MET D 196 34.30 3.66 4.09
C MET D 196 33.95 2.20 4.29
N LYS D 197 34.82 1.48 4.99
CA LYS D 197 34.57 0.08 5.33
C LYS D 197 33.19 -0.14 5.93
N ASN D 198 32.74 0.85 6.69
CA ASN D 198 31.47 0.71 7.39
C ASN D 198 30.28 1.07 6.50
N ILE D 199 30.59 1.39 5.25
CA ILE D 199 29.58 1.77 4.28
C ILE D 199 29.31 0.61 3.30
N PRO D 200 28.07 0.14 3.21
CA PRO D 200 27.81 -1.03 2.37
C PRO D 200 27.80 -0.70 0.88
N LEU D 201 28.96 -0.34 0.33
CA LEU D 201 29.08 -0.03 -1.08
C LEU D 201 28.61 -1.21 -1.94
N GLU D 202 29.06 -2.41 -1.55
CA GLU D 202 28.66 -3.65 -2.19
C GLU D 202 27.17 -3.65 -2.57
N ALA D 203 26.33 -3.23 -1.63
CA ALA D 203 24.90 -3.29 -1.84
C ALA D 203 24.46 -2.19 -2.79
N LEU D 204 25.34 -1.22 -3.02
CA LEU D 204 25.10 -0.10 -3.93
C LEU D 204 25.70 -0.42 -5.29
N LYS D 205 26.42 -1.53 -5.35
CA LYS D 205 27.17 -1.93 -6.55
C LYS D 205 28.11 -0.84 -6.98
N ILE D 206 28.74 -0.20 -6.00
CA ILE D 206 29.84 0.71 -6.25
C ILE D 206 31.11 0.01 -5.85
N SER D 207 32.15 0.13 -6.66
CA SER D 207 33.39 -0.59 -6.42
C SER D 207 34.32 0.18 -5.51
N ARG D 208 34.83 -0.51 -4.48
CA ARG D 208 35.72 0.12 -3.52
C ARG D 208 36.97 0.66 -4.20
N LYS D 209 37.22 0.17 -5.41
CA LYS D 209 38.31 0.66 -6.25
C LYS D 209 38.20 2.14 -6.55
N THR D 210 36.96 2.66 -6.55
CA THR D 210 36.72 4.05 -6.95
C THR D 210 36.98 5.06 -5.84
N ILE D 211 37.12 4.59 -4.60
CA ILE D 211 37.22 5.46 -3.43
C ILE D 211 38.39 6.40 -3.55
N ASN D 212 38.16 7.69 -3.33
CA ASN D 212 39.24 8.66 -3.26
C ASN D 212 40.05 8.72 -4.55
N THR D 213 39.39 8.87 -5.68
CA THR D 213 40.06 8.83 -6.99
C THR D 213 40.01 10.15 -7.76
N LYS D 214 39.07 11.03 -7.39
CA LYS D 214 39.03 12.38 -7.96
C LYS D 214 39.54 13.41 -6.96
N HIS D 215 40.43 14.29 -7.40
CA HIS D 215 41.02 15.27 -6.52
C HIS D 215 40.88 16.69 -7.05
N VAL D 216 39.77 17.32 -6.70
CA VAL D 216 39.51 18.69 -7.12
C VAL D 216 39.12 19.49 -5.90
N PRO D 217 39.12 20.82 -6.04
CA PRO D 217 38.58 21.77 -5.07
C PRO D 217 37.08 21.56 -4.86
N ILE D 218 36.66 21.48 -3.60
CA ILE D 218 35.25 21.28 -3.29
C ILE D 218 34.72 22.34 -2.35
N ALA D 219 33.71 23.07 -2.81
CA ALA D 219 32.98 23.99 -1.96
C ALA D 219 31.70 23.31 -1.50
N ILE D 220 31.45 23.36 -0.19
CA ILE D 220 30.23 22.77 0.34
C ILE D 220 29.36 23.86 0.91
N ILE D 221 28.08 23.80 0.59
CA ILE D 221 27.12 24.78 1.05
C ILE D 221 26.15 24.20 2.07
N THR D 222 26.03 24.85 3.22
CA THR D 222 25.06 24.45 4.21
C THR D 222 24.08 25.59 4.57
N ASN D 223 22.86 25.25 4.97
CA ASN D 223 22.02 26.24 5.62
C ASN D 223 21.54 25.72 6.96
N HIS D 224 20.69 26.52 7.61
CA HIS D 224 20.19 26.20 8.93
C HIS D 224 19.40 24.91 8.97
N LYS D 225 19.01 24.41 7.80
CA LYS D 225 18.22 23.18 7.74
C LYS D 225 19.07 21.93 7.51
N THR D 226 20.31 22.11 7.09
CA THR D 226 21.21 20.97 6.94
C THR D 226 21.32 20.27 8.32
N ALA D 227 20.88 19.02 8.38
CA ALA D 227 20.75 18.31 9.65
C ALA D 227 21.09 16.83 9.61
N SER D 228 21.70 16.35 10.68
CA SER D 228 21.68 14.92 10.97
C SER D 228 22.58 14.12 10.03
N SER D 229 22.02 13.19 9.25
CA SER D 229 22.82 12.43 8.28
C SER D 229 23.57 13.35 7.34
N ALA D 230 22.96 14.49 7.01
CA ALA D 230 23.61 15.48 6.15
C ALA D 230 24.77 16.16 6.87
N GLU D 231 24.57 16.51 8.15
CA GLU D 231 25.64 17.10 8.95
C GLU D 231 26.84 16.16 9.06
N MET D 232 26.58 14.87 9.30
CA MET D 232 27.65 13.88 9.34
C MET D 232 28.33 13.66 7.99
N THR D 233 27.59 13.77 6.88
CA THR D 233 28.20 13.75 5.55
C THR D 233 29.14 14.94 5.37
N PHE D 234 28.72 16.10 5.83
CA PHE D 234 29.54 17.30 5.84
C PHE D 234 30.81 17.08 6.65
N LEU D 235 30.69 16.50 7.83
CA LEU D 235 31.87 16.26 8.67
C LEU D 235 32.82 15.31 7.96
N SER D 236 32.29 14.38 7.17
CA SER D 236 33.15 13.42 6.50
C SER D 236 34.16 14.13 5.57
N PHE D 237 33.81 15.34 5.12
CA PHE D 237 34.70 16.19 4.30
C PHE D 237 35.51 17.21 5.10
N LYS D 238 35.06 17.52 6.32
CA LYS D 238 35.68 18.54 7.18
C LYS D 238 37.18 18.39 7.40
N GLY D 239 37.94 19.43 7.07
CA GLY D 239 39.36 19.43 7.30
C GLY D 239 40.21 18.84 6.18
N LEU D 240 39.58 18.33 5.14
CA LEU D 240 40.34 17.84 4.01
C LEU D 240 40.96 19.05 3.31
N PRO D 241 42.18 18.90 2.80
CA PRO D 241 42.94 20.06 2.33
C PRO D 241 42.27 20.82 1.16
N ASN D 242 41.51 20.12 0.33
CA ASN D 242 40.88 20.74 -0.84
C ASN D 242 39.48 21.26 -0.62
N VAL D 243 39.00 21.29 0.62
CA VAL D 243 37.58 21.58 0.87
C VAL D 243 37.39 22.89 1.62
N LYS D 244 36.31 23.60 1.30
CA LYS D 244 35.91 24.78 2.04
C LYS D 244 34.41 24.98 2.03
N SER D 245 33.86 25.45 3.15
CA SER D 245 32.41 25.46 3.31
C SER D 245 31.87 26.88 3.40
N PHE D 246 30.62 27.04 2.99
CA PHE D 246 29.98 28.35 2.82
C PHE D 246 28.49 28.35 3.19
N GLY D 247 28.00 29.46 3.75
CA GLY D 247 26.58 29.63 4.01
C GLY D 247 26.18 29.96 5.44
N GLN D 248 25.36 29.10 6.04
CA GLN D 248 24.97 29.26 7.42
C GLN D 248 25.28 28.02 8.22
N ALA D 249 25.20 28.16 9.54
CA ALA D 249 25.45 27.05 10.44
C ALA D 249 24.39 25.98 10.25
N THR D 250 24.80 24.72 10.38
CA THR D 250 23.86 23.61 10.28
C THR D 250 22.91 23.59 11.46
N ALA D 251 21.91 22.71 11.38
CA ALA D 251 20.81 22.69 12.33
C ALA D 251 21.22 22.28 13.75
N GLY D 252 22.29 21.48 13.87
CA GLY D 252 22.76 21.06 15.17
C GLY D 252 22.17 19.75 15.64
N TYR D 253 22.06 18.80 14.71
CA TYR D 253 21.65 17.45 15.08
C TYR D 253 22.83 16.51 14.87
N THR D 254 23.99 16.97 15.33
CA THR D 254 25.23 16.22 15.27
C THR D 254 25.32 15.23 16.45
N THR D 255 24.58 14.13 16.33
CA THR D 255 24.69 12.99 17.22
C THR D 255 24.26 11.78 16.41
N VAL D 256 24.79 10.62 16.78
CA VAL D 256 24.45 9.36 16.14
C VAL D 256 23.23 8.77 16.82
N ASN D 257 22.27 8.29 16.01
CA ASN D 257 21.12 7.57 16.57
C ASN D 257 21.22 6.09 16.25
N GLU D 258 20.61 5.25 17.08
CA GLU D 258 20.32 3.90 16.69
C GLU D 258 18.81 3.84 16.59
N THR D 259 18.29 3.04 15.67
CA THR D 259 16.86 3.04 15.42
C THR D 259 16.37 1.62 15.68
N PHE D 260 15.41 1.50 16.60
CA PHE D 260 14.85 0.20 17.00
C PHE D 260 13.47 -0.02 16.44
N MET D 261 13.33 -1.10 15.67
CA MET D 261 12.05 -1.42 15.05
C MET D 261 11.13 -2.01 16.10
N LEU D 262 10.00 -1.37 16.38
CA LEU D 262 9.13 -1.80 17.46
C LEU D 262 8.10 -2.80 16.94
N TYR D 263 7.29 -3.37 17.84
CA TYR D 263 6.50 -4.54 17.52
C TYR D 263 5.47 -4.29 16.42
N ASP D 264 4.90 -3.09 16.38
CA ASP D 264 3.86 -2.79 15.42
C ASP D 264 4.40 -2.07 14.17
N GLY D 265 5.71 -1.95 14.06
CA GLY D 265 6.31 -1.24 12.93
C GLY D 265 6.65 0.21 13.23
N ALA D 266 6.35 0.67 14.44
CA ALA D 266 6.81 1.98 14.84
C ALA D 266 8.34 1.92 15.04
N ARG D 267 9.00 3.07 15.10
CA ARG D 267 10.45 3.11 15.29
C ARG D 267 10.83 4.05 16.39
N LEU D 268 11.73 3.58 17.25
CA LEU D 268 12.36 4.39 18.26
C LEU D 268 13.67 4.86 17.67
N ALA D 269 13.78 6.15 17.40
CA ALA D 269 15.04 6.71 16.98
C ALA D 269 15.73 7.23 18.24
N LEU D 270 16.81 6.56 18.66
CA LEU D 270 17.44 6.84 19.95
C LEU D 270 18.84 7.39 19.78
N THR D 271 19.10 8.55 20.36
CA THR D 271 20.43 9.13 20.30
C THR D 271 21.39 8.40 21.21
N THR D 272 22.46 7.83 20.64
CA THR D 272 23.39 7.01 21.42
C THR D 272 24.87 7.41 21.34
N GLY D 273 25.20 8.35 20.46
CA GLY D 273 26.59 8.72 20.31
C GLY D 273 26.84 10.21 20.19
N ILE D 274 27.90 10.69 20.83
CA ILE D 274 28.49 12.00 20.60
C ILE D 274 29.51 11.90 19.43
N VAL D 275 29.68 12.96 18.65
CA VAL D 275 30.50 12.88 17.46
C VAL D 275 31.78 13.72 17.55
N SER D 276 32.86 13.21 16.95
CA SER D 276 34.09 13.98 16.75
C SER D 276 34.47 13.96 15.28
N ASP D 277 35.02 15.07 14.78
CA ASP D 277 35.50 15.07 13.41
C ASP D 277 36.96 14.60 13.36
N ARG D 278 37.52 14.57 12.15
CA ARG D 278 38.87 14.09 11.88
C ARG D 278 39.92 14.82 12.69
N GLN D 279 39.62 16.08 13.01
CA GLN D 279 40.58 16.94 13.68
C GLN D 279 40.42 16.90 15.17
N GLY D 280 39.51 16.05 15.64
CA GLY D 280 39.29 15.87 17.06
C GLY D 280 38.22 16.76 17.67
N TYR D 281 37.66 17.69 16.90
CA TYR D 281 36.62 18.59 17.40
C TYR D 281 35.33 17.85 17.78
N LYS D 282 34.73 18.25 18.89
CA LYS D 282 33.56 17.53 19.42
C LYS D 282 32.22 18.20 19.09
N TYR D 283 31.23 17.39 18.77
CA TYR D 283 29.91 17.91 18.52
C TYR D 283 28.91 17.11 19.34
N GLU D 284 27.90 17.79 19.85
CA GLU D 284 26.86 17.10 20.59
C GLU D 284 25.57 17.88 20.39
N ASN D 285 24.96 17.69 19.23
CA ASN D 285 23.78 18.43 18.86
C ASN D 285 24.13 19.92 18.84
N THR D 286 25.31 20.23 18.32
CA THR D 286 25.74 21.60 18.15
C THR D 286 25.94 21.91 16.66
N PRO D 287 25.56 23.11 16.23
CA PRO D 287 25.69 23.51 14.83
C PRO D 287 27.13 23.44 14.34
N ILE D 288 27.33 23.02 13.09
CA ILE D 288 28.63 23.14 12.48
C ILE D 288 28.68 24.50 11.79
N LEU D 289 29.68 25.31 12.12
CA LEU D 289 29.90 26.60 11.46
C LEU D 289 30.58 26.40 10.12
N PRO D 290 30.11 27.08 9.08
CA PRO D 290 30.82 27.01 7.79
C PRO D 290 32.11 27.82 7.86
N ASP D 291 33.09 27.48 7.03
CA ASP D 291 34.33 28.23 6.99
C ASP D 291 34.10 29.69 6.67
N GLN D 292 33.10 29.98 5.84
CA GLN D 292 32.78 31.36 5.52
C GLN D 292 31.28 31.61 5.56
N VAL D 293 30.85 32.33 6.59
CA VAL D 293 29.45 32.69 6.74
C VAL D 293 29.05 33.68 5.64
N THR D 294 28.02 33.36 4.87
CA THR D 294 27.51 34.30 3.86
C THR D 294 26.06 34.12 3.47
N SER D 295 25.44 35.25 3.17
CA SER D 295 24.11 35.32 2.58
C SER D 295 24.11 34.79 1.14
N LEU D 296 25.28 34.74 0.51
CA LEU D 296 25.37 34.43 -0.92
C LEU D 296 26.39 33.31 -1.19
N PRO D 297 26.08 32.10 -0.71
CA PRO D 297 27.01 30.98 -0.80
C PRO D 297 27.33 30.54 -2.25
N LEU D 298 26.35 30.59 -3.15
CA LEU D 298 26.59 30.15 -4.52
C LEU D 298 27.67 31.01 -5.16
N GLN D 299 27.45 32.31 -5.09
CA GLN D 299 28.38 33.27 -5.64
C GLN D 299 29.75 33.16 -4.98
N GLU D 300 29.79 33.15 -3.64
CA GLU D 300 31.07 33.09 -2.96
C GLU D 300 31.79 31.76 -3.22
N SER D 301 31.02 30.68 -3.42
CA SER D 301 31.62 29.38 -3.73
C SER D 301 32.42 29.45 -5.01
N GLN D 302 31.80 30.05 -6.02
CA GLN D 302 32.39 30.15 -7.35
C GLN D 302 33.68 30.96 -7.37
N SER D 303 33.63 32.15 -6.77
CA SER D 303 34.85 32.95 -6.60
C SER D 303 35.96 32.08 -6.06
N TRP D 304 35.71 31.47 -4.92
CA TRP D 304 36.73 30.67 -4.26
C TRP D 304 37.19 29.52 -5.16
N LEU D 305 36.25 28.83 -5.80
CA LEU D 305 36.63 27.70 -6.66
C LEU D 305 37.51 28.14 -7.83
N LYS D 306 37.22 29.31 -8.39
CA LYS D 306 38.06 29.87 -9.44
C LYS D 306 39.51 30.06 -8.96
N SER D 307 39.67 30.74 -7.83
CA SER D 307 40.99 30.96 -7.22
C SER D 307 41.81 29.68 -7.08
N ARG D 308 41.26 28.69 -6.37
CA ARG D 308 41.98 27.44 -6.14
C ARG D 308 42.29 26.75 -7.47
N ILE D 309 41.47 26.98 -8.49
CA ILE D 309 41.69 26.34 -9.78
C ILE D 309 42.82 27.00 -10.57
O1 MES E . 17.17 -3.91 0.64
C2 MES E . 17.45 -3.06 1.75
C3 MES E . 18.87 -3.37 2.19
N4 MES E . 19.43 -4.22 1.16
C5 MES E . 18.86 -5.53 0.95
C6 MES E . 17.37 -5.26 0.98
C7 MES E . 20.86 -4.10 0.90
C8 MES E . 21.51 -3.94 2.26
S MES E . 21.99 -2.35 2.44
O1S MES E . 20.84 -1.56 2.93
O2S MES E . 22.41 -1.77 1.12
O3S MES E . 23.12 -2.27 3.38
O1 MES F . -2.56 -1.88 17.62
C2 MES F . -1.88 -3.08 17.96
C3 MES F . -2.41 -3.58 19.31
N4 MES F . -2.27 -2.47 20.24
C5 MES F . -2.83 -1.22 19.80
C6 MES F . -2.15 -0.89 18.52
C7 MES F . -2.55 -2.68 21.66
C8 MES F . -3.45 -3.87 21.95
S MES F . -2.59 -5.27 22.17
O1S MES F . -1.27 -4.90 22.71
O2S MES F . -2.52 -6.02 20.88
O3S MES F . -3.20 -6.17 23.19
H21 MES F . -0.81 -2.89 18.04
H22 MES F . -2.04 -3.83 17.19
H31 MES F . -3.46 -3.87 19.22
H32 MES F . -1.84 -4.44 19.66
HN4 MES F . -1.28 -2.30 20.22
H51 MES F . -2.64 -0.45 20.55
H52 MES F . -3.90 -1.30 19.65
H61 MES F . -2.44 0.10 18.18
H62 MES F . -1.06 -0.91 18.65
H71 MES F . -1.60 -2.82 22.18
H72 MES F . -3.01 -1.78 22.07
H81 MES F . -4.04 -3.66 22.85
H82 MES F . -4.15 -4.00 21.12
O1 MES G . -16.33 10.07 -23.07
C2 MES G . -17.04 9.49 -24.17
C3 MES G . -18.53 9.78 -24.08
N4 MES G . -18.96 9.20 -22.83
C5 MES G . -18.22 9.50 -21.61
C6 MES G . -17.17 10.53 -22.00
C7 MES G . -20.03 8.22 -22.81
C8 MES G . -19.73 7.26 -23.95
S MES G . -18.35 6.36 -23.69
O1S MES G . -17.55 6.32 -24.94
O2S MES G . -17.53 6.95 -22.61
O3S MES G . -18.72 4.97 -23.33
O1 MES H . 25.85 20.61 -19.11
C2 MES H . 25.15 19.36 -19.31
C3 MES H . 26.12 18.27 -19.77
N4 MES H . 27.31 18.57 -19.00
C5 MES H . 28.08 19.73 -19.42
C6 MES H . 27.03 20.71 -19.91
C7 MES H . 27.93 17.51 -18.23
C8 MES H . 28.48 16.56 -19.28
S MES H . 29.97 17.12 -19.74
O1S MES H . 29.87 17.70 -21.11
O2S MES H . 30.46 18.16 -18.81
O3S MES H . 30.92 15.98 -19.73
#